data_1VHT
#
_entry.id   1VHT
#
_cell.length_a   55.693
_cell.length_b   80.596
_cell.length_c   75.376
_cell.angle_alpha   90.00
_cell.angle_beta   93.36
_cell.angle_gamma   90.00
#
_symmetry.space_group_name_H-M   'P 1 21 1'
#
loop_
_entity.id
_entity.type
_entity.pdbx_description
1 polymer 'Dephospho-CoA kinase'
2 non-polymer 'ACETATE ION'
3 non-polymer "BIS(ADENOSINE)-5'-TRIPHOSPHATE"
4 water water
#
_entity_poly.entity_id   1
_entity_poly.type   'polypeptide(L)'
_entity_poly.pdbx_seq_one_letter_code
;MSLRYIVALTGGIGSGKSTVANAFADLGINVIDADIIARQVVEPGAPALHAIADHFGANMIAADGTLQRRALRERIFANP
EEKNWLNALLHPLIQQETQHQIQQATSPYVLWVVPLLVENSLYKKANRVLVVDVSPETQLKRTMQRDDVTREHVEQILAA
QATREARLAVADDVIDNNGAPDAIASDVARLHAHYLQLASQFVSQEKPEGGSHHHHHH
;
_entity_poly.pdbx_strand_id   A,B,C
#
loop_
_chem_comp.id
_chem_comp.type
_chem_comp.name
_chem_comp.formula
ACT non-polymer 'ACETATE ION' 'C2 H3 O2 -1'
BA3 non-polymer BIS(ADENOSINE)-5'-TRIPHOSPHATE 'C20 H27 N10 O16 P3'
#
# COMPACT_ATOMS: atom_id res chain seq x y z
N SER A 2 40.16 26.43 -15.14
CA SER A 2 38.78 26.12 -15.51
C SER A 2 38.17 25.14 -14.49
N LEU A 3 36.84 25.11 -14.44
CA LEU A 3 36.23 24.20 -13.44
C LEU A 3 35.94 22.88 -14.11
N ARG A 4 36.32 21.76 -13.49
CA ARG A 4 36.09 20.45 -14.07
C ARG A 4 34.86 19.75 -13.48
N TYR A 5 34.10 19.05 -14.29
CA TYR A 5 32.91 18.34 -13.75
C TYR A 5 33.42 17.01 -13.21
N ILE A 6 33.08 16.70 -11.96
CA ILE A 6 33.61 15.47 -11.35
C ILE A 6 32.52 14.43 -11.11
N VAL A 7 32.67 13.26 -11.71
CA VAL A 7 31.75 12.14 -11.44
C VAL A 7 32.53 11.17 -10.54
N ALA A 8 32.10 10.95 -9.30
CA ALA A 8 32.85 9.99 -8.48
C ALA A 8 32.26 8.59 -8.68
N LEU A 9 33.09 7.57 -8.69
CA LEU A 9 32.65 6.18 -8.81
C LEU A 9 33.10 5.41 -7.54
N THR A 10 32.15 4.67 -6.98
CA THR A 10 32.52 3.85 -5.81
C THR A 10 31.72 2.54 -5.89
N GLY A 11 32.04 1.63 -4.99
CA GLY A 11 31.45 0.29 -4.95
C GLY A 11 32.28 -0.51 -3.94
N GLY A 12 31.68 -1.59 -3.44
CA GLY A 12 32.46 -2.35 -2.42
C GLY A 12 33.43 -3.30 -3.08
N ILE A 13 34.18 -4.03 -2.22
CA ILE A 13 35.14 -5.00 -2.76
C ILE A 13 34.44 -6.00 -3.67
N GLY A 14 35.12 -6.20 -4.82
CA GLY A 14 34.71 -7.12 -5.84
C GLY A 14 33.55 -6.65 -6.69
N SER A 15 33.21 -5.37 -6.64
CA SER A 15 32.05 -4.91 -7.41
C SER A 15 32.40 -4.58 -8.86
N GLY A 16 33.63 -4.22 -9.14
CA GLY A 16 34.03 -3.91 -10.51
C GLY A 16 34.32 -2.45 -10.76
N LYS A 17 34.75 -1.73 -9.74
CA LYS A 17 35.09 -0.32 -9.89
C LYS A 17 36.05 -0.09 -11.05
N SER A 18 37.16 -0.84 -11.13
CA SER A 18 38.11 -0.60 -12.22
C SER A 18 37.57 -1.04 -13.57
N THR A 19 36.78 -2.10 -13.58
CA THR A 19 36.13 -2.57 -14.80
C THR A 19 35.26 -1.48 -15.40
N VAL A 20 34.36 -0.91 -14.57
CA VAL A 20 33.52 0.20 -15.08
C VAL A 20 34.37 1.41 -15.43
N ALA A 21 35.41 1.73 -14.64
CA ALA A 21 36.25 2.91 -14.97
C ALA A 21 36.93 2.72 -16.33
N ASN A 22 37.37 1.51 -16.66
CA ASN A 22 38.00 1.31 -17.98
C ASN A 22 37.00 1.56 -19.11
N ALA A 23 35.74 1.19 -18.93
CA ALA A 23 34.72 1.44 -19.94
C ALA A 23 34.59 2.94 -20.14
N PHE A 24 34.62 3.76 -19.07
CA PHE A 24 34.56 5.21 -19.31
C PHE A 24 35.83 5.69 -20.00
N ALA A 25 37.00 5.18 -19.58
CA ALA A 25 38.28 5.54 -20.19
C ALA A 25 38.23 5.22 -21.69
N ASP A 26 37.62 4.11 -22.06
CA ASP A 26 37.50 3.77 -23.49
C ASP A 26 36.75 4.85 -24.27
N LEU A 27 35.81 5.54 -23.61
CA LEU A 27 35.08 6.63 -24.26
C LEU A 27 35.82 7.93 -24.25
N GLY A 28 37.05 8.04 -23.73
CA GLY A 28 37.82 9.24 -23.72
C GLY A 28 37.84 10.00 -22.40
N ILE A 29 37.38 9.34 -21.33
CA ILE A 29 37.36 10.06 -20.05
C ILE A 29 38.61 9.84 -19.23
N ASN A 30 39.24 10.87 -18.71
CA ASN A 30 40.43 10.67 -17.85
C ASN A 30 39.95 10.20 -16.49
N VAL A 31 40.55 9.12 -16.00
CA VAL A 31 40.20 8.51 -14.70
C VAL A 31 41.24 8.91 -13.67
N ILE A 32 40.76 9.39 -12.53
CA ILE A 32 41.68 9.75 -11.41
C ILE A 32 41.36 8.75 -10.31
N ASP A 33 42.34 7.91 -9.94
CA ASP A 33 42.11 6.85 -8.97
C ASP A 33 42.77 7.15 -7.63
N ALA A 34 41.94 7.21 -6.56
CA ALA A 34 42.41 7.52 -5.25
C ALA A 34 43.56 6.63 -4.78
N ASP A 35 43.51 5.35 -5.16
CA ASP A 35 44.63 4.52 -4.65
C ASP A 35 45.92 4.84 -5.38
N ILE A 36 45.83 5.23 -6.66
CA ILE A 36 47.06 5.59 -7.38
C ILE A 36 47.57 6.91 -6.85
N ILE A 37 46.66 7.84 -6.51
CA ILE A 37 47.08 9.11 -5.96
C ILE A 37 47.84 8.90 -4.63
N ALA A 38 47.30 8.00 -3.81
CA ALA A 38 47.97 7.73 -2.51
C ALA A 38 49.35 7.16 -2.77
N ARG A 39 49.56 6.33 -3.78
CA ARG A 39 50.95 5.85 -3.99
C ARG A 39 51.84 6.95 -4.53
N GLN A 40 51.31 7.90 -5.33
CA GLN A 40 52.09 8.96 -5.93
C GLN A 40 52.69 9.96 -4.97
N VAL A 41 51.99 10.18 -3.84
CA VAL A 41 52.47 11.17 -2.88
C VAL A 41 53.67 10.64 -2.09
N VAL A 42 54.00 9.37 -2.25
CA VAL A 42 55.19 8.84 -1.55
C VAL A 42 56.22 8.36 -2.58
N GLU A 43 56.10 8.80 -3.81
CA GLU A 43 57.06 8.41 -4.85
C GLU A 43 58.43 9.02 -4.58
N PRO A 44 59.44 8.52 -5.29
CA PRO A 44 60.78 9.02 -5.12
C PRO A 44 60.85 10.52 -5.32
N GLY A 45 61.42 11.24 -4.36
CA GLY A 45 61.55 12.68 -4.43
C GLY A 45 60.38 13.46 -3.90
N ALA A 46 59.32 12.79 -3.44
CA ALA A 46 58.16 13.46 -2.90
C ALA A 46 58.44 14.05 -1.53
N PRO A 47 57.73 15.13 -1.20
CA PRO A 47 57.86 15.84 0.05
C PRO A 47 57.58 15.03 1.29
N ALA A 48 56.59 14.15 1.25
CA ALA A 48 56.25 13.31 2.39
C ALA A 48 57.40 12.39 2.79
N LEU A 49 58.29 12.02 1.88
CA LEU A 49 59.39 11.12 2.22
C LEU A 49 60.30 11.66 3.32
N HIS A 50 60.62 12.94 3.31
CA HIS A 50 61.49 13.51 4.33
C HIS A 50 60.81 13.46 5.69
N ALA A 51 59.51 13.78 5.71
CA ALA A 51 58.75 13.72 6.96
C ALA A 51 58.66 12.31 7.50
N ILE A 52 58.52 11.32 6.61
CA ILE A 52 58.40 9.92 7.00
C ILE A 52 59.73 9.42 7.59
N ALA A 53 60.81 9.85 6.95
CA ALA A 53 62.14 9.44 7.48
C ALA A 53 62.35 10.04 8.86
N ASP A 54 62.01 11.31 9.02
CA ASP A 54 62.19 11.95 10.33
C ASP A 54 61.40 11.26 11.42
N HIS A 55 60.19 10.84 11.10
CA HIS A 55 59.32 10.20 12.06
C HIS A 55 59.61 8.76 12.37
N PHE A 56 59.81 7.94 11.34
CA PHE A 56 60.00 6.51 11.46
C PHE A 56 61.46 6.06 11.41
N GLY A 57 62.36 6.91 10.97
CA GLY A 57 63.78 6.48 10.92
C GLY A 57 64.32 6.63 9.51
N ALA A 58 65.61 6.93 9.41
CA ALA A 58 66.27 7.14 8.14
C ALA A 58 66.21 5.93 7.24
N ASN A 59 66.17 4.74 7.83
CA ASN A 59 66.12 3.48 7.16
C ASN A 59 64.79 3.17 6.48
N MET A 60 63.84 4.09 6.62
CA MET A 60 62.58 3.90 5.88
C MET A 60 62.83 4.21 4.40
N ILE A 61 63.98 4.73 4.03
CA ILE A 61 64.43 5.10 2.71
C ILE A 61 65.51 4.18 2.12
N ALA A 62 65.34 3.73 0.89
CA ALA A 62 66.30 2.87 0.21
C ALA A 62 67.56 3.59 -0.26
N ALA A 63 68.44 2.81 -0.89
CA ALA A 63 69.72 3.31 -1.39
C ALA A 63 69.53 4.39 -2.45
N ASP A 64 68.49 4.28 -3.27
CA ASP A 64 68.26 5.28 -4.30
C ASP A 64 67.31 6.38 -3.85
N GLY A 65 66.93 6.46 -2.57
CA GLY A 65 66.06 7.50 -2.10
C GLY A 65 64.59 7.14 -2.15
N THR A 66 64.26 5.89 -2.47
CA THR A 66 62.88 5.46 -2.54
C THR A 66 62.42 4.80 -1.25
N LEU A 67 61.13 4.92 -1.00
CA LEU A 67 60.49 4.41 0.20
C LEU A 67 60.52 2.89 0.34
N GLN A 68 60.92 2.43 1.52
CA GLN A 68 60.88 0.97 1.78
C GLN A 68 59.43 0.72 2.20
N ARG A 69 58.56 0.52 1.19
CA ARG A 69 57.14 0.39 1.37
C ARG A 69 56.72 -0.78 2.21
N ARG A 70 57.36 -1.93 2.01
CA ARG A 70 57.01 -3.11 2.79
C ARG A 70 57.37 -2.89 4.27
N ALA A 71 58.54 -2.29 4.51
CA ALA A 71 58.98 -2.02 5.87
C ALA A 71 58.07 -1.02 6.55
N LEU A 72 57.50 -0.07 5.82
CA LEU A 72 56.60 0.91 6.44
C LEU A 72 55.29 0.25 6.82
N ARG A 73 54.75 -0.55 5.91
CA ARG A 73 53.48 -1.26 6.17
C ARG A 73 53.64 -2.13 7.42
N GLU A 74 54.76 -2.82 7.55
CA GLU A 74 55.04 -3.68 8.68
C GLU A 74 55.23 -2.92 9.97
N ARG A 75 55.82 -1.73 9.91
CA ARG A 75 56.05 -0.91 11.10
C ARG A 75 54.75 -0.37 11.67
N ILE A 76 53.82 0.01 10.79
CA ILE A 76 52.54 0.56 11.20
C ILE A 76 51.61 -0.51 11.77
N PHE A 77 51.80 -1.76 11.38
CA PHE A 77 50.98 -2.87 11.85
C PHE A 77 51.39 -3.29 13.26
N ALA A 78 52.62 -2.96 13.64
CA ALA A 78 53.18 -3.26 14.94
C ALA A 78 53.15 -2.03 15.84
N ASN A 79 52.55 -0.96 15.33
CA ASN A 79 52.44 0.31 16.05
C ASN A 79 51.22 1.07 15.55
N PRO A 80 50.03 0.55 15.85
CA PRO A 80 48.76 1.11 15.46
C PRO A 80 48.62 2.60 15.45
N GLU A 81 49.13 3.34 16.42
CA GLU A 81 49.06 4.79 16.45
C GLU A 81 49.72 5.44 15.24
N GLU A 82 50.70 4.76 14.66
CA GLU A 82 51.43 5.23 13.49
C GLU A 82 50.57 5.27 12.25
N LYS A 83 49.59 4.38 12.13
CA LYS A 83 48.69 4.40 10.97
C LYS A 83 48.00 5.76 10.88
N ASN A 84 47.48 6.22 12.02
CA ASN A 84 46.81 7.51 12.09
C ASN A 84 47.78 8.65 11.82
N TRP A 85 49.02 8.56 12.33
CA TRP A 85 50.01 9.60 12.09
C TRP A 85 50.30 9.72 10.59
N LEU A 86 50.45 8.58 9.93
CA LEU A 86 50.75 8.57 8.50
C LEU A 86 49.61 9.12 7.67
N ASN A 87 48.39 8.69 7.94
CA ASN A 87 47.23 9.19 7.19
C ASN A 87 47.07 10.70 7.35
N ALA A 88 47.32 11.24 8.55
CA ALA A 88 47.20 12.67 8.78
C ALA A 88 48.24 13.46 7.99
N LEU A 89 49.47 12.92 7.88
CA LEU A 89 50.49 13.58 7.09
C LEU A 89 50.13 13.59 5.58
N LEU A 90 49.72 12.42 5.10
CA LEU A 90 49.41 12.28 3.68
C LEU A 90 48.12 12.93 3.21
N HIS A 91 47.13 13.09 4.08
CA HIS A 91 45.85 13.65 3.68
C HIS A 91 45.88 14.91 2.88
N PRO A 92 46.48 16.01 3.33
CA PRO A 92 46.52 17.25 2.58
C PRO A 92 47.24 17.09 1.26
N LEU A 93 48.29 16.24 1.25
CA LEU A 93 49.07 16.00 0.03
C LEU A 93 48.18 15.25 -0.99
N ILE A 94 47.39 14.34 -0.46
CA ILE A 94 46.46 13.59 -1.36
C ILE A 94 45.40 14.53 -1.89
N GLN A 95 44.90 15.42 -1.03
CA GLN A 95 43.92 16.39 -1.53
C GLN A 95 44.50 17.24 -2.64
N GLN A 96 45.73 17.78 -2.45
CA GLN A 96 46.37 18.62 -3.42
C GLN A 96 46.65 17.91 -4.74
N GLU A 97 47.19 16.67 -4.64
CA GLU A 97 47.52 15.89 -5.83
C GLU A 97 46.26 15.51 -6.60
N THR A 98 45.20 15.21 -5.85
CA THR A 98 43.91 14.88 -6.53
C THR A 98 43.42 16.08 -7.32
N GLN A 99 43.45 17.26 -6.66
CA GLN A 99 43.01 18.47 -7.36
C GLN A 99 43.89 18.79 -8.55
N HIS A 100 45.22 18.58 -8.40
CA HIS A 100 46.14 18.82 -9.47
C HIS A 100 45.79 17.94 -10.68
N GLN A 101 45.51 16.67 -10.43
CA GLN A 101 45.21 15.74 -11.53
C GLN A 101 43.88 16.05 -12.18
N ILE A 102 42.92 16.51 -11.36
CA ILE A 102 41.61 16.90 -11.93
C ILE A 102 41.79 18.12 -12.83
N GLN A 103 42.57 19.11 -12.37
CA GLN A 103 42.82 20.29 -13.18
C GLN A 103 43.57 19.94 -14.48
N GLN A 104 44.44 18.95 -14.41
CA GLN A 104 45.24 18.52 -15.55
C GLN A 104 44.52 17.65 -16.55
N ALA A 105 43.39 17.04 -16.18
CA ALA A 105 42.63 16.21 -17.10
C ALA A 105 41.85 17.12 -18.09
N THR A 106 41.85 16.79 -19.35
CA THR A 106 41.19 17.54 -20.39
C THR A 106 39.92 16.92 -20.91
N SER A 107 39.51 15.75 -20.44
CA SER A 107 38.26 15.14 -20.95
C SER A 107 37.08 15.99 -20.53
N PRO A 108 35.92 15.81 -21.15
CA PRO A 108 34.74 16.64 -20.86
C PRO A 108 34.36 16.69 -19.40
N TYR A 109 34.53 15.54 -18.73
CA TYR A 109 34.32 15.43 -17.29
C TYR A 109 35.36 14.38 -16.84
N VAL A 110 35.65 14.35 -15.54
CA VAL A 110 36.58 13.33 -15.06
C VAL A 110 35.85 12.30 -14.22
N LEU A 111 36.38 11.07 -14.19
CA LEU A 111 35.81 10.00 -13.38
C LEU A 111 36.81 9.77 -12.22
N TRP A 112 36.37 10.04 -11.02
CA TRP A 112 37.20 9.93 -9.80
C TRP A 112 36.78 8.67 -9.07
N VAL A 113 37.72 7.70 -9.09
CA VAL A 113 37.39 6.38 -8.50
C VAL A 113 37.87 6.40 -7.05
N VAL A 114 36.91 6.26 -6.15
CA VAL A 114 37.17 6.40 -4.70
C VAL A 114 36.55 5.25 -3.93
N PRO A 115 37.35 4.22 -3.60
CA PRO A 115 36.80 3.13 -2.82
C PRO A 115 36.20 3.57 -1.51
N LEU A 116 36.78 4.54 -0.82
CA LEU A 116 36.27 4.98 0.48
C LEU A 116 35.36 6.18 0.34
N LEU A 117 34.62 6.32 -0.76
CA LEU A 117 33.78 7.51 -0.94
C LEU A 117 32.75 7.72 0.16
N VAL A 118 32.08 6.62 0.54
CA VAL A 118 31.05 6.78 1.58
C VAL A 118 31.69 6.83 2.94
N GLU A 119 32.66 5.94 3.19
CA GLU A 119 33.29 5.93 4.50
C GLU A 119 33.92 7.27 4.88
N ASN A 120 34.58 7.93 3.95
CA ASN A 120 35.26 9.19 4.16
C ASN A 120 34.44 10.41 3.75
N SER A 121 33.18 10.24 3.42
CA SER A 121 32.24 11.31 3.06
C SER A 121 32.77 12.17 1.93
N LEU A 122 33.46 11.54 0.97
CA LEU A 122 34.08 12.23 -0.15
C LEU A 122 33.11 12.57 -1.27
N TYR A 123 31.88 12.08 -1.17
CA TYR A 123 30.80 12.39 -2.11
C TYR A 123 30.52 13.89 -2.03
N LYS A 124 30.92 14.56 -0.92
CA LYS A 124 30.73 15.99 -0.78
C LYS A 124 31.58 16.78 -1.78
N LYS A 125 32.59 16.15 -2.33
CA LYS A 125 33.45 16.80 -3.31
C LYS A 125 33.16 16.36 -4.74
N ALA A 126 32.08 15.66 -4.96
CA ALA A 126 31.74 15.22 -6.31
C ALA A 126 30.50 15.97 -6.84
N ASN A 127 30.50 16.15 -8.17
CA ASN A 127 29.26 16.76 -8.70
C ASN A 127 28.21 15.70 -8.92
N ARG A 128 28.60 14.46 -9.22
CA ARG A 128 27.70 13.34 -9.44
C ARG A 128 28.33 12.09 -8.82
N VAL A 129 27.49 11.22 -8.27
CA VAL A 129 27.97 9.99 -7.67
C VAL A 129 27.41 8.76 -8.38
N LEU A 130 28.27 7.91 -8.89
CA LEU A 130 27.91 6.67 -9.54
C LEU A 130 28.36 5.49 -8.67
N VAL A 131 27.44 4.56 -8.40
CA VAL A 131 27.83 3.38 -7.63
C VAL A 131 27.74 2.13 -8.51
N VAL A 132 28.80 1.33 -8.54
CA VAL A 132 28.72 0.05 -9.29
C VAL A 132 28.24 -0.94 -8.21
N ASP A 133 27.09 -1.52 -8.44
CA ASP A 133 26.42 -2.41 -7.49
C ASP A 133 26.29 -3.85 -7.96
N VAL A 134 26.51 -4.73 -6.99
CA VAL A 134 26.43 -6.19 -7.19
C VAL A 134 25.85 -6.80 -5.92
N SER A 135 25.45 -8.07 -5.94
CA SER A 135 25.00 -8.62 -4.64
C SER A 135 26.19 -8.95 -3.78
N PRO A 136 26.00 -9.06 -2.46
CA PRO A 136 27.05 -9.46 -1.55
C PRO A 136 27.62 -10.80 -1.99
N GLU A 137 26.80 -11.75 -2.46
CA GLU A 137 27.32 -13.04 -2.92
C GLU A 137 28.32 -12.88 -4.06
N THR A 138 28.03 -11.96 -4.99
CA THR A 138 28.95 -11.69 -6.09
C THR A 138 30.25 -11.12 -5.55
N GLN A 139 30.16 -10.16 -4.60
CA GLN A 139 31.36 -9.61 -3.99
C GLN A 139 32.28 -10.71 -3.43
N LEU A 140 31.64 -11.64 -2.74
CA LEU A 140 32.34 -12.74 -2.11
C LEU A 140 32.94 -13.68 -3.15
N LYS A 141 32.13 -14.17 -4.07
CA LYS A 141 32.60 -15.10 -5.10
C LYS A 141 33.74 -14.55 -5.94
N ARG A 142 33.59 -13.31 -6.42
CA ARG A 142 34.64 -12.74 -7.27
C ARG A 142 35.92 -12.48 -6.53
N THR A 143 35.87 -12.02 -5.29
CA THR A 143 37.08 -11.75 -4.52
C THR A 143 37.78 -13.06 -4.16
N MET A 144 36.96 -14.07 -3.84
CA MET A 144 37.50 -15.39 -3.53
C MET A 144 38.24 -15.96 -4.73
N GLN A 145 37.66 -15.83 -5.91
CA GLN A 145 38.30 -16.36 -7.12
C GLN A 145 39.58 -15.60 -7.44
N ARG A 146 39.52 -14.27 -7.37
CA ARG A 146 40.68 -13.44 -7.68
C ARG A 146 41.86 -13.70 -6.77
N ASP A 147 41.65 -13.66 -5.45
CA ASP A 147 42.74 -13.83 -4.51
C ASP A 147 42.92 -15.23 -3.97
N ASP A 148 42.09 -16.18 -4.36
CA ASP A 148 42.23 -17.54 -3.83
C ASP A 148 42.18 -17.47 -2.30
N VAL A 149 41.14 -16.82 -1.77
CA VAL A 149 40.98 -16.68 -0.34
C VAL A 149 39.65 -17.27 0.09
N THR A 150 39.47 -17.46 1.39
CA THR A 150 38.26 -18.02 1.93
C THR A 150 37.08 -17.05 1.89
N ARG A 151 35.89 -17.66 1.96
CA ARG A 151 34.66 -16.86 2.02
C ARG A 151 34.71 -15.98 3.27
N GLU A 152 35.14 -16.56 4.39
CA GLU A 152 35.27 -15.87 5.65
C GLU A 152 36.18 -14.66 5.57
N HIS A 153 37.31 -14.78 4.86
CA HIS A 153 38.25 -13.68 4.73
C HIS A 153 37.58 -12.48 4.04
N VAL A 154 36.82 -12.75 2.98
CA VAL A 154 36.15 -11.65 2.27
C VAL A 154 34.98 -11.12 3.07
N GLU A 155 34.29 -11.97 3.83
CA GLU A 155 33.18 -11.51 4.67
C GLU A 155 33.69 -10.49 5.67
N GLN A 156 34.90 -10.72 6.20
CA GLN A 156 35.48 -9.80 7.16
C GLN A 156 35.69 -8.43 6.55
N ILE A 157 36.14 -8.36 5.31
CA ILE A 157 36.31 -7.10 4.59
C ILE A 157 34.94 -6.48 4.34
N LEU A 158 33.93 -7.27 4.00
CA LEU A 158 32.58 -6.77 3.76
C LEU A 158 31.99 -6.08 4.97
N ALA A 159 32.26 -6.65 6.15
CA ALA A 159 31.80 -6.12 7.42
C ALA A 159 32.54 -4.87 7.85
N ALA A 160 33.71 -4.59 7.30
CA ALA A 160 34.51 -3.43 7.60
C ALA A 160 34.19 -2.24 6.67
N GLN A 161 33.63 -2.55 5.51
CA GLN A 161 33.29 -1.52 4.54
C GLN A 161 31.86 -1.02 4.77
N ALA A 162 31.57 0.16 4.22
CA ALA A 162 30.21 0.68 4.32
C ALA A 162 29.29 -0.34 3.71
N THR A 163 28.00 -0.37 4.10
CA THR A 163 27.12 -1.35 3.50
C THR A 163 26.63 -0.99 2.11
N ARG A 164 26.08 -2.01 1.45
CA ARG A 164 25.49 -1.79 0.14
C ARG A 164 24.47 -0.66 0.17
N GLU A 165 23.60 -0.68 1.19
CA GLU A 165 22.55 0.33 1.30
C GLU A 165 23.07 1.72 1.58
N ALA A 166 24.19 1.81 2.31
CA ALA A 166 24.79 3.12 2.58
C ALA A 166 25.34 3.72 1.29
N ARG A 167 25.85 2.88 0.39
CA ARG A 167 26.33 3.38 -0.90
C ARG A 167 25.15 3.81 -1.75
N LEU A 168 24.09 3.00 -1.79
CA LEU A 168 22.92 3.38 -2.61
C LEU A 168 22.31 4.66 -2.14
N ALA A 169 22.35 4.93 -0.84
CA ALA A 169 21.72 6.15 -0.28
C ALA A 169 22.39 7.42 -0.77
N VAL A 170 23.65 7.38 -1.17
CA VAL A 170 24.32 8.58 -1.65
C VAL A 170 24.46 8.58 -3.17
N ALA A 171 24.02 7.55 -3.85
CA ALA A 171 24.20 7.50 -5.29
C ALA A 171 23.22 8.32 -6.10
N ASP A 172 23.75 8.99 -7.14
CA ASP A 172 22.85 9.66 -8.09
C ASP A 172 22.45 8.62 -9.16
N ASP A 173 23.41 7.81 -9.56
CA ASP A 173 23.19 6.77 -10.58
C ASP A 173 23.78 5.46 -10.07
N VAL A 174 23.21 4.34 -10.49
CA VAL A 174 23.68 3.00 -10.13
C VAL A 174 23.86 2.16 -11.38
N ILE A 175 24.99 1.53 -11.53
CA ILE A 175 25.25 0.62 -12.64
C ILE A 175 25.39 -0.78 -12.06
N ASP A 176 24.62 -1.74 -12.60
CA ASP A 176 24.67 -3.14 -12.11
C ASP A 176 25.82 -3.88 -12.77
N ASN A 177 26.54 -4.70 -12.02
CA ASN A 177 27.65 -5.45 -12.60
C ASN A 177 27.52 -6.92 -12.17
N ASN A 178 26.28 -7.31 -11.93
CA ASN A 178 26.04 -8.70 -11.51
C ASN A 178 26.16 -9.62 -12.72
N GLY A 179 25.74 -9.11 -13.87
CA GLY A 179 25.78 -9.86 -15.11
C GLY A 179 27.21 -10.20 -15.53
N ALA A 180 27.36 -10.52 -16.81
CA ALA A 180 28.67 -10.88 -17.35
C ALA A 180 29.44 -9.63 -17.68
N PRO A 181 30.72 -9.77 -18.03
CA PRO A 181 31.55 -8.63 -18.35
C PRO A 181 31.11 -7.77 -19.51
N ASP A 182 29.91 -7.89 -20.09
CA ASP A 182 29.47 -7.11 -21.21
C ASP A 182 28.19 -6.35 -21.21
N ALA A 183 27.37 -6.21 -20.19
CA ALA A 183 26.17 -5.36 -20.33
C ALA A 183 26.58 -3.95 -19.88
N ILE A 184 27.84 -3.96 -19.38
CA ILE A 184 28.47 -2.77 -18.90
C ILE A 184 28.58 -1.74 -20.01
N ALA A 185 28.97 -2.14 -21.23
CA ALA A 185 29.16 -1.12 -22.26
C ALA A 185 27.92 -0.28 -22.49
N SER A 186 26.78 -0.87 -22.79
CA SER A 186 25.55 -0.14 -23.02
C SER A 186 25.21 0.80 -21.86
N ASP A 187 25.31 0.27 -20.63
CA ASP A 187 24.96 1.09 -19.48
C ASP A 187 25.91 2.27 -19.31
N VAL A 188 27.21 2.01 -19.51
CA VAL A 188 28.19 3.09 -19.43
C VAL A 188 27.94 4.12 -20.52
N ALA A 189 27.58 3.67 -21.74
CA ALA A 189 27.32 4.66 -22.80
C ALA A 189 26.15 5.58 -22.43
N ARG A 190 25.09 4.99 -21.84
CA ARG A 190 23.95 5.84 -21.46
C ARG A 190 24.33 6.86 -20.40
N LEU A 191 25.12 6.39 -19.44
CA LEU A 191 25.53 7.33 -18.38
C LEU A 191 26.45 8.39 -18.96
N HIS A 192 27.42 8.00 -19.78
CA HIS A 192 28.33 8.93 -20.42
C HIS A 192 27.56 10.01 -21.20
N ALA A 193 26.51 9.60 -21.92
CA ALA A 193 25.77 10.64 -22.69
C ALA A 193 25.16 11.68 -21.76
N HIS A 194 24.70 11.21 -20.59
CA HIS A 194 24.14 12.19 -19.64
C HIS A 194 25.24 13.04 -19.03
N TYR A 195 26.39 12.44 -18.68
CA TYR A 195 27.48 13.18 -18.09
C TYR A 195 27.99 14.27 -19.02
N LEU A 196 28.02 13.98 -20.35
CA LEU A 196 28.45 15.02 -21.28
C LEU A 196 27.49 16.22 -21.19
N GLN A 197 26.19 15.96 -21.09
CA GLN A 197 25.24 17.08 -20.99
C GLN A 197 25.43 17.85 -19.69
N LEU A 198 25.53 17.08 -18.58
CA LEU A 198 25.74 17.78 -17.30
C LEU A 198 26.99 18.62 -17.32
N ALA A 199 28.11 18.06 -17.84
CA ALA A 199 29.37 18.80 -17.89
C ALA A 199 29.31 20.03 -18.78
N SER A 200 28.62 19.90 -19.93
CA SER A 200 28.55 21.04 -20.84
C SER A 200 27.71 22.20 -20.28
N GLN A 201 26.80 21.91 -19.36
CA GLN A 201 25.94 22.97 -18.86
C GLN A 201 26.16 23.38 -17.41
N PHE A 202 26.97 22.65 -16.62
CA PHE A 202 26.99 23.01 -15.21
C PHE A 202 27.47 24.34 -14.80
N VAL A 203 28.41 24.97 -15.49
CA VAL A 203 28.96 26.24 -15.07
C VAL A 203 27.92 27.34 -15.14
N SER A 204 27.13 27.34 -16.19
CA SER A 204 26.09 28.37 -16.34
C SER A 204 24.71 27.99 -15.90
N GLN A 205 24.44 26.75 -15.59
CA GLN A 205 23.14 26.26 -15.16
C GLN A 205 22.57 27.16 -14.07
N GLU A 206 21.54 27.92 -14.47
CA GLU A 206 20.96 28.86 -13.50
C GLU A 206 20.26 28.11 -12.39
N LYS A 207 19.42 27.14 -12.68
CA LYS A 207 18.72 26.42 -11.63
C LYS A 207 19.24 24.99 -11.43
N PRO A 208 18.98 24.43 -10.26
CA PRO A 208 19.38 23.08 -9.93
C PRO A 208 18.73 22.10 -10.93
N GLU A 209 19.28 20.91 -11.07
CA GLU A 209 18.75 19.89 -11.94
C GLU A 209 17.36 20.19 -12.46
N SER B 2 -0.74 -4.96 -0.12
CA SER B 2 -1.99 -5.36 -0.75
C SER B 2 -2.33 -6.82 -0.47
N LEU B 3 -1.46 -7.75 -0.88
CA LEU B 3 -1.74 -9.17 -0.56
C LEU B 3 -1.29 -9.36 0.89
N ARG B 4 -2.19 -9.79 1.77
CA ARG B 4 -1.97 -9.98 3.19
C ARG B 4 -2.22 -11.47 3.57
N TYR B 5 -1.47 -11.97 4.53
CA TYR B 5 -1.60 -13.37 4.94
C TYR B 5 -2.85 -13.50 5.82
N ILE B 6 -3.65 -14.55 5.57
CA ILE B 6 -4.89 -14.71 6.32
C ILE B 6 -4.86 -15.94 7.23
N VAL B 7 -4.88 -15.67 8.54
CA VAL B 7 -4.98 -16.78 9.51
C VAL B 7 -6.44 -16.80 10.01
N ALA B 8 -7.17 -17.87 9.71
CA ALA B 8 -8.54 -17.93 10.24
C ALA B 8 -8.56 -18.56 11.63
N LEU B 9 -9.41 -18.03 12.50
CA LEU B 9 -9.58 -18.55 13.85
C LEU B 9 -11.01 -19.11 14.02
N THR B 10 -11.11 -20.35 14.47
CA THR B 10 -12.50 -20.85 14.72
C THR B 10 -12.46 -21.66 16.00
N GLY B 11 -13.64 -22.08 16.43
CA GLY B 11 -13.81 -22.88 17.64
C GLY B 11 -15.31 -23.00 17.91
N GLY B 12 -15.69 -23.98 18.71
CA GLY B 12 -17.10 -24.21 19.01
C GLY B 12 -17.62 -23.20 20.04
N ILE B 13 -18.90 -23.33 20.33
CA ILE B 13 -19.50 -22.40 21.34
C ILE B 13 -18.79 -22.55 22.66
N GLY B 14 -18.52 -21.39 23.29
CA GLY B 14 -17.87 -21.36 24.59
C GLY B 14 -16.39 -21.61 24.56
N SER B 15 -15.75 -21.69 23.38
CA SER B 15 -14.35 -21.98 23.31
C SER B 15 -13.42 -20.81 23.62
N GLY B 16 -13.88 -19.63 23.27
CA GLY B 16 -13.06 -18.43 23.54
C GLY B 16 -12.51 -17.78 22.31
N LYS B 17 -13.19 -17.87 21.17
CA LYS B 17 -12.70 -17.24 19.95
C LYS B 17 -12.42 -15.75 20.16
N SER B 18 -13.39 -15.03 20.72
CA SER B 18 -13.18 -13.57 20.92
C SER B 18 -12.06 -13.29 21.89
N THR B 19 -11.95 -14.08 22.94
CA THR B 19 -10.88 -13.93 23.93
C THR B 19 -9.50 -14.10 23.32
N VAL B 20 -9.35 -15.12 22.47
CA VAL B 20 -8.06 -15.32 21.78
C VAL B 20 -7.84 -14.22 20.77
N ALA B 21 -8.86 -13.81 20.01
CA ALA B 21 -8.69 -12.76 19.02
C ALA B 21 -8.20 -11.49 19.73
N ASN B 22 -8.71 -11.22 20.91
CA ASN B 22 -8.24 -10.02 21.63
C ASN B 22 -6.76 -10.08 21.93
N ALA B 23 -6.19 -11.24 22.24
CA ALA B 23 -4.77 -11.37 22.49
C ALA B 23 -3.98 -11.02 21.25
N PHE B 24 -4.46 -11.44 20.07
CA PHE B 24 -3.74 -11.09 18.84
C PHE B 24 -3.87 -9.60 18.55
N ALA B 25 -5.01 -9.00 18.88
CA ALA B 25 -5.22 -7.56 18.65
C ALA B 25 -4.23 -6.79 19.53
N ASP B 26 -3.99 -7.30 20.75
CA ASP B 26 -3.03 -6.59 21.63
C ASP B 26 -1.62 -6.63 21.08
N LEU B 27 -1.32 -7.59 20.21
CA LEU B 27 0.00 -7.70 19.59
C LEU B 27 0.07 -6.89 18.30
N GLY B 28 -0.94 -6.09 18.01
CA GLY B 28 -0.97 -5.23 16.83
C GLY B 28 -1.50 -5.87 15.56
N ILE B 29 -2.24 -6.99 15.71
CA ILE B 29 -2.76 -7.64 14.50
C ILE B 29 -4.17 -7.18 14.20
N ASN B 30 -4.48 -6.89 12.96
CA ASN B 30 -5.85 -6.52 12.61
C ASN B 30 -6.76 -7.77 12.69
N VAL B 31 -7.82 -7.65 13.47
CA VAL B 31 -8.80 -8.75 13.60
C VAL B 31 -9.99 -8.41 12.72
N ILE B 32 -10.38 -9.36 11.88
CA ILE B 32 -11.51 -9.19 10.94
C ILE B 32 -12.50 -10.27 11.34
N ASP B 33 -13.57 -9.84 12.02
CA ASP B 33 -14.54 -10.76 12.62
C ASP B 33 -15.76 -10.90 11.73
N ALA B 34 -16.04 -12.14 11.31
CA ALA B 34 -17.19 -12.35 10.43
C ALA B 34 -18.50 -11.82 11.00
N ASP B 35 -18.74 -11.87 12.29
CA ASP B 35 -20.04 -11.34 12.79
C ASP B 35 -20.06 -9.83 12.79
N ILE B 36 -18.92 -9.15 12.96
CA ILE B 36 -18.85 -7.69 12.88
C ILE B 36 -19.06 -7.29 11.45
N ILE B 37 -18.44 -7.99 10.50
CA ILE B 37 -18.64 -7.67 9.08
C ILE B 37 -20.11 -7.76 8.71
N ALA B 38 -20.78 -8.81 9.16
CA ALA B 38 -22.21 -9.02 8.83
C ALA B 38 -23.05 -7.84 9.31
N ARG B 39 -22.73 -7.30 10.46
CA ARG B 39 -23.47 -6.13 10.96
C ARG B 39 -23.13 -4.89 10.17
N GLN B 40 -21.88 -4.78 9.70
CA GLN B 40 -21.47 -3.60 8.96
C GLN B 40 -22.17 -3.49 7.63
N VAL B 41 -22.49 -4.61 6.98
CA VAL B 41 -23.10 -4.57 5.67
C VAL B 41 -24.58 -4.16 5.74
N VAL B 42 -25.15 -4.09 6.94
CA VAL B 42 -26.56 -3.70 7.07
C VAL B 42 -26.67 -2.43 7.88
N GLU B 43 -25.58 -1.67 8.02
CA GLU B 43 -25.63 -0.40 8.76
C GLU B 43 -26.45 0.64 8.00
N PRO B 44 -26.92 1.68 8.69
CA PRO B 44 -27.64 2.76 8.01
C PRO B 44 -26.77 3.31 6.88
N GLY B 45 -27.35 3.51 5.70
CA GLY B 45 -26.61 4.03 4.55
C GLY B 45 -26.27 2.90 3.58
N ALA B 46 -26.42 1.66 4.04
CA ALA B 46 -26.14 0.51 3.20
C ALA B 46 -27.36 0.15 2.36
N PRO B 47 -27.11 -0.15 1.10
CA PRO B 47 -28.17 -0.52 0.18
C PRO B 47 -28.88 -1.77 0.67
N ALA B 48 -28.13 -2.71 1.26
CA ALA B 48 -28.71 -3.95 1.76
C ALA B 48 -29.76 -3.66 2.85
N LEU B 49 -29.57 -2.65 3.66
CA LEU B 49 -30.54 -2.31 4.72
C LEU B 49 -31.86 -1.86 4.12
N HIS B 50 -31.78 -0.95 3.14
CA HIS B 50 -33.01 -0.52 2.45
C HIS B 50 -33.62 -1.69 1.71
N ALA B 51 -32.86 -2.60 1.13
CA ALA B 51 -33.39 -3.75 0.41
C ALA B 51 -34.16 -4.68 1.37
N ILE B 52 -33.59 -4.85 2.56
CA ILE B 52 -34.27 -5.70 3.56
C ILE B 52 -35.62 -5.08 3.91
N ALA B 53 -35.69 -3.77 4.09
CA ALA B 53 -36.94 -3.10 4.43
C ALA B 53 -37.92 -3.16 3.28
N ASP B 54 -37.40 -3.04 2.04
CA ASP B 54 -38.33 -3.14 0.89
C ASP B 54 -38.89 -4.54 0.76
N HIS B 55 -38.13 -5.57 1.10
CA HIS B 55 -38.54 -6.94 0.99
C HIS B 55 -39.44 -7.42 2.13
N PHE B 56 -39.00 -7.17 3.34
CA PHE B 56 -39.76 -7.65 4.52
C PHE B 56 -40.68 -6.65 5.13
N GLY B 57 -40.49 -5.37 4.95
CA GLY B 57 -41.35 -4.37 5.53
C GLY B 57 -40.61 -3.27 6.23
N ALA B 58 -41.21 -2.08 6.32
CA ALA B 58 -40.65 -0.93 6.96
C ALA B 58 -40.34 -1.14 8.42
N ASN B 59 -41.02 -2.11 9.07
CA ASN B 59 -40.78 -2.42 10.47
C ASN B 59 -39.43 -3.06 10.68
N MET B 60 -38.72 -3.40 9.61
CA MET B 60 -37.37 -3.94 9.76
C MET B 60 -36.41 -2.81 10.18
N ILE B 61 -36.75 -1.55 10.00
CA ILE B 61 -35.88 -0.44 10.38
C ILE B 61 -36.42 0.30 11.60
N ALA B 62 -35.59 0.56 12.58
CA ALA B 62 -36.00 1.31 13.76
C ALA B 62 -36.03 2.80 13.42
N ALA B 63 -36.55 3.58 14.37
CA ALA B 63 -36.66 5.03 14.19
C ALA B 63 -35.29 5.67 14.02
N ASP B 64 -34.26 5.07 14.65
CA ASP B 64 -32.90 5.63 14.49
C ASP B 64 -32.27 5.17 13.19
N GLY B 65 -32.94 4.40 12.34
CA GLY B 65 -32.36 3.98 11.08
C GLY B 65 -31.63 2.66 11.10
N THR B 66 -31.54 2.01 12.27
CA THR B 66 -30.83 0.72 12.34
C THR B 66 -31.75 -0.46 12.11
N LEU B 67 -31.15 -1.60 11.79
CA LEU B 67 -31.89 -2.82 11.59
C LEU B 67 -32.48 -3.37 12.89
N GLN B 68 -33.74 -3.79 12.76
CA GLN B 68 -34.46 -4.46 13.87
C GLN B 68 -34.10 -5.93 13.72
N ARG B 69 -32.99 -6.36 14.37
CA ARG B 69 -32.48 -7.71 14.19
C ARG B 69 -33.40 -8.84 14.60
N ARG B 70 -34.06 -8.74 15.75
CA ARG B 70 -35.01 -9.79 16.12
C ARG B 70 -36.16 -9.88 15.15
N ALA B 71 -36.65 -8.73 14.66
CA ALA B 71 -37.75 -8.75 13.68
C ALA B 71 -37.32 -9.49 12.42
N LEU B 72 -36.08 -9.24 11.96
CA LEU B 72 -35.65 -9.92 10.73
C LEU B 72 -35.54 -11.42 11.00
N ARG B 73 -34.91 -11.79 12.10
CA ARG B 73 -34.76 -13.20 12.46
C ARG B 73 -36.11 -13.89 12.51
N GLU B 74 -37.12 -13.23 13.06
CA GLU B 74 -38.43 -13.86 13.09
C GLU B 74 -38.98 -14.18 11.72
N ARG B 75 -38.67 -13.38 10.71
CA ARG B 75 -39.19 -13.60 9.35
C ARG B 75 -38.45 -14.68 8.60
N ILE B 76 -37.26 -15.07 9.06
CA ILE B 76 -36.55 -16.12 8.30
C ILE B 76 -36.49 -17.42 9.09
N PHE B 77 -36.78 -17.37 10.40
CA PHE B 77 -36.71 -18.56 11.23
C PHE B 77 -37.46 -19.77 10.70
N ALA B 78 -38.74 -19.63 10.36
CA ALA B 78 -39.48 -20.79 9.89
C ALA B 78 -39.77 -20.70 8.40
N ASN B 79 -39.00 -19.89 7.68
CA ASN B 79 -39.21 -19.73 6.25
C ASN B 79 -37.94 -19.87 5.43
N PRO B 80 -37.69 -21.06 4.90
CA PRO B 80 -36.54 -21.37 4.09
C PRO B 80 -36.35 -20.46 2.89
N GLU B 81 -37.45 -20.16 2.19
CA GLU B 81 -37.35 -19.29 1.03
C GLU B 81 -36.87 -17.90 1.43
N GLU B 82 -37.28 -17.40 2.60
CA GLU B 82 -36.84 -16.05 3.00
C GLU B 82 -35.39 -16.07 3.46
N LYS B 83 -35.02 -17.19 4.06
CA LYS B 83 -33.64 -17.40 4.51
C LYS B 83 -32.73 -17.38 3.29
N ASN B 84 -33.10 -18.07 2.22
CA ASN B 84 -32.31 -18.11 0.99
C ASN B 84 -32.25 -16.74 0.33
N TRP B 85 -33.34 -15.97 0.36
CA TRP B 85 -33.35 -14.64 -0.21
C TRP B 85 -32.34 -13.76 0.53
N LEU B 86 -32.42 -13.79 1.86
CA LEU B 86 -31.49 -12.96 2.66
C LEU B 86 -30.04 -13.34 2.44
N ASN B 87 -29.75 -14.64 2.37
CA ASN B 87 -28.37 -15.08 2.12
C ASN B 87 -27.89 -14.64 0.75
N ALA B 88 -28.75 -14.73 -0.26
CA ALA B 88 -28.39 -14.32 -1.61
C ALA B 88 -28.03 -12.84 -1.64
N LEU B 89 -28.71 -12.03 -0.81
CA LEU B 89 -28.45 -10.62 -0.73
C LEU B 89 -27.16 -10.32 0.01
N LEU B 90 -27.00 -10.91 1.20
CA LEU B 90 -25.86 -10.66 2.04
C LEU B 90 -24.56 -11.39 1.72
N HIS B 91 -24.61 -12.62 1.23
CA HIS B 91 -23.36 -13.34 0.97
C HIS B 91 -22.34 -12.60 0.16
N PRO B 92 -22.63 -12.14 -1.04
CA PRO B 92 -21.66 -11.40 -1.84
C PRO B 92 -21.20 -10.14 -1.18
N LEU B 93 -22.06 -9.44 -0.44
CA LEU B 93 -21.67 -8.21 0.24
C LEU B 93 -20.68 -8.54 1.37
N ILE B 94 -20.95 -9.58 2.12
CA ILE B 94 -20.04 -10.00 3.18
C ILE B 94 -18.71 -10.43 2.57
N GLN B 95 -18.73 -11.12 1.44
CA GLN B 95 -17.49 -11.53 0.80
C GLN B 95 -16.65 -10.30 0.46
N GLN B 96 -17.30 -9.33 -0.17
CA GLN B 96 -16.59 -8.11 -0.58
C GLN B 96 -16.13 -7.23 0.54
N GLU B 97 -16.91 -7.11 1.63
CA GLU B 97 -16.49 -6.25 2.74
C GLU B 97 -15.33 -6.92 3.47
N THR B 98 -15.41 -8.23 3.56
CA THR B 98 -14.30 -8.98 4.21
C THR B 98 -13.01 -8.73 3.42
N GLN B 99 -13.08 -8.93 2.09
CA GLN B 99 -11.85 -8.66 1.31
C GLN B 99 -11.42 -7.22 1.47
N HIS B 100 -12.37 -6.27 1.42
CA HIS B 100 -12.02 -4.84 1.57
C HIS B 100 -11.25 -4.55 2.84
N GLN B 101 -11.71 -5.11 3.96
CA GLN B 101 -11.04 -4.89 5.24
C GLN B 101 -9.70 -5.61 5.29
N ILE B 102 -9.60 -6.76 4.64
CA ILE B 102 -8.28 -7.44 4.65
C ILE B 102 -7.28 -6.61 3.86
N GLN B 103 -7.74 -6.02 2.75
CA GLN B 103 -6.86 -5.18 1.94
C GLN B 103 -6.41 -3.94 2.67
N GLN B 104 -7.25 -3.35 3.50
CA GLN B 104 -6.88 -2.13 4.21
C GLN B 104 -6.19 -2.36 5.54
N ALA B 105 -6.11 -3.62 6.03
CA ALA B 105 -5.41 -3.86 7.28
C ALA B 105 -3.93 -3.49 7.12
N THR B 106 -3.25 -3.21 8.21
CA THR B 106 -1.84 -2.86 8.12
C THR B 106 -0.90 -3.93 8.66
N SER B 107 -1.45 -4.93 9.36
CA SER B 107 -0.59 -5.99 9.92
C SER B 107 -0.18 -6.96 8.83
N PRO B 108 0.96 -7.61 8.98
CA PRO B 108 1.48 -8.50 7.93
C PRO B 108 0.56 -9.68 7.68
N TYR B 109 -0.11 -10.10 8.73
CA TYR B 109 -1.13 -11.13 8.62
C TYR B 109 -2.34 -10.56 9.37
N VAL B 110 -3.52 -11.07 9.01
CA VAL B 110 -4.74 -10.68 9.70
C VAL B 110 -5.33 -11.92 10.39
N LEU B 111 -6.08 -11.67 11.44
CA LEU B 111 -6.74 -12.78 12.13
C LEU B 111 -8.20 -12.66 11.74
N TRP B 112 -8.68 -13.66 11.01
CA TRP B 112 -10.08 -13.65 10.52
C TRP B 112 -10.88 -14.59 11.37
N VAL B 113 -11.74 -14.03 12.26
CA VAL B 113 -12.54 -14.84 13.18
C VAL B 113 -13.83 -15.28 12.52
N VAL B 114 -13.94 -16.62 12.36
CA VAL B 114 -15.11 -17.16 11.62
C VAL B 114 -15.76 -18.31 12.39
N PRO B 115 -16.80 -18.06 13.17
CA PRO B 115 -17.46 -19.15 13.90
C PRO B 115 -17.80 -20.33 13.03
N LEU B 116 -18.32 -20.12 11.81
CA LEU B 116 -18.74 -21.23 10.95
C LEU B 116 -17.69 -21.66 9.95
N LEU B 117 -16.42 -21.52 10.31
CA LEU B 117 -15.37 -21.88 9.36
C LEU B 117 -15.49 -23.30 8.81
N VAL B 118 -15.65 -24.28 9.72
CA VAL B 118 -15.71 -25.67 9.26
C VAL B 118 -17.02 -25.99 8.60
N GLU B 119 -18.11 -25.57 9.26
CA GLU B 119 -19.44 -25.81 8.72
C GLU B 119 -19.67 -25.25 7.33
N ASN B 120 -19.11 -24.09 7.02
CA ASN B 120 -19.32 -23.48 5.70
C ASN B 120 -18.09 -23.64 4.80
N SER B 121 -17.13 -24.44 5.22
CA SER B 121 -15.92 -24.71 4.45
C SER B 121 -15.14 -23.48 4.07
N LEU B 122 -15.15 -22.44 4.89
CA LEU B 122 -14.51 -21.17 4.66
C LEU B 122 -13.02 -21.21 4.86
N TYR B 123 -12.52 -22.35 5.36
CA TYR B 123 -11.07 -22.54 5.49
C TYR B 123 -10.46 -22.56 4.10
N LYS B 124 -11.24 -22.76 3.04
CA LYS B 124 -10.65 -22.72 1.69
C LYS B 124 -10.17 -21.32 1.36
N LYS B 125 -10.57 -20.29 2.07
CA LYS B 125 -10.22 -18.91 1.86
C LYS B 125 -9.20 -18.36 2.82
N ALA B 126 -8.60 -19.26 3.62
CA ALA B 126 -7.57 -18.87 4.55
C ALA B 126 -6.21 -19.47 4.20
N ASN B 127 -5.14 -18.79 4.56
CA ASN B 127 -3.81 -19.37 4.30
C ASN B 127 -3.38 -20.31 5.42
N ARG B 128 -3.99 -20.16 6.60
CA ARG B 128 -3.62 -20.98 7.78
C ARG B 128 -4.85 -21.01 8.67
N VAL B 129 -5.06 -22.11 9.40
CA VAL B 129 -6.25 -22.18 10.27
C VAL B 129 -5.81 -22.47 11.70
N LEU B 130 -6.28 -21.66 12.61
CA LEU B 130 -6.04 -21.81 14.04
C LEU B 130 -7.37 -22.16 14.71
N VAL B 131 -7.36 -23.29 15.44
CA VAL B 131 -8.56 -23.61 16.21
C VAL B 131 -8.35 -23.39 17.70
N VAL B 132 -9.25 -22.70 18.38
CA VAL B 132 -9.20 -22.58 19.88
C VAL B 132 -10.02 -23.78 20.35
N ASP B 133 -9.33 -24.65 21.09
CA ASP B 133 -9.92 -25.93 21.50
C ASP B 133 -10.07 -26.06 22.99
N VAL B 134 -11.18 -26.61 23.40
CA VAL B 134 -11.53 -26.85 24.78
C VAL B 134 -12.26 -28.20 24.89
N SER B 135 -12.46 -28.72 26.10
CA SER B 135 -13.27 -29.97 26.14
C SER B 135 -14.73 -29.64 25.94
N PRO B 136 -15.57 -30.59 25.57
CA PRO B 136 -17.01 -30.34 25.49
C PRO B 136 -17.55 -29.89 26.85
N GLU B 137 -16.99 -30.43 27.95
CA GLU B 137 -17.38 -30.03 29.29
C GLU B 137 -17.19 -28.52 29.50
N THR B 138 -16.04 -28.02 29.07
CA THR B 138 -15.79 -26.58 29.17
C THR B 138 -16.78 -25.78 28.34
N GLN B 139 -17.12 -26.26 27.12
CA GLN B 139 -18.09 -25.55 26.29
C GLN B 139 -19.44 -25.43 27.03
N LEU B 140 -19.86 -26.55 27.62
CA LEU B 140 -21.10 -26.58 28.35
C LEU B 140 -21.08 -25.67 29.59
N LYS B 141 -20.06 -25.83 30.40
CA LYS B 141 -20.00 -25.02 31.64
C LYS B 141 -20.02 -23.52 31.37
N ARG B 142 -19.15 -23.06 30.46
CA ARG B 142 -19.07 -21.65 30.18
C ARG B 142 -20.31 -21.03 29.60
N THR B 143 -20.98 -21.78 28.71
CA THR B 143 -22.21 -21.28 28.09
C THR B 143 -23.35 -21.28 29.11
N MET B 144 -23.43 -22.32 29.94
CA MET B 144 -24.46 -22.35 30.99
C MET B 144 -24.31 -21.15 31.93
N GLN B 145 -23.08 -20.79 32.24
CA GLN B 145 -22.82 -19.68 33.13
C GLN B 145 -23.19 -18.34 32.53
N ARG B 146 -22.79 -18.08 31.28
CA ARG B 146 -23.09 -16.82 30.66
C ARG B 146 -24.58 -16.58 30.40
N ASP B 147 -25.27 -17.61 29.91
CA ASP B 147 -26.68 -17.42 29.54
C ASP B 147 -27.66 -17.97 30.55
N ASP B 148 -27.20 -18.66 31.59
CA ASP B 148 -28.04 -19.30 32.57
C ASP B 148 -29.05 -20.23 31.87
N VAL B 149 -28.47 -21.14 31.09
CA VAL B 149 -29.25 -22.13 30.36
C VAL B 149 -28.90 -23.51 30.89
N THR B 150 -29.73 -24.52 30.57
CA THR B 150 -29.44 -25.85 31.07
C THR B 150 -28.35 -26.52 30.22
N ARG B 151 -27.83 -27.59 30.80
CA ARG B 151 -26.79 -28.39 30.14
C ARG B 151 -27.32 -28.97 28.82
N GLU B 152 -28.55 -29.47 28.86
CA GLU B 152 -29.19 -30.04 27.67
C GLU B 152 -29.35 -29.00 26.58
N HIS B 153 -29.59 -27.75 26.95
CA HIS B 153 -29.73 -26.66 25.99
C HIS B 153 -28.41 -26.46 25.25
N VAL B 154 -27.30 -26.50 26.01
CA VAL B 154 -26.00 -26.32 25.32
C VAL B 154 -25.64 -27.57 24.55
N GLU B 155 -25.96 -28.75 25.08
CA GLU B 155 -25.67 -29.98 24.32
C GLU B 155 -26.34 -29.92 22.95
N GLN B 156 -27.54 -29.34 22.83
CA GLN B 156 -28.21 -29.24 21.54
C GLN B 156 -27.43 -28.37 20.55
N ILE B 157 -26.80 -27.31 21.06
CA ILE B 157 -26.00 -26.45 20.22
C ILE B 157 -24.75 -27.22 19.77
N LEU B 158 -24.15 -27.99 20.66
CA LEU B 158 -22.94 -28.73 20.26
C LEU B 158 -23.27 -29.73 19.14
N ALA B 159 -24.44 -30.35 19.27
CA ALA B 159 -24.88 -31.32 18.27
C ALA B 159 -25.14 -30.67 16.94
N ALA B 160 -25.48 -29.39 16.88
CA ALA B 160 -25.75 -28.68 15.65
C ALA B 160 -24.46 -28.17 14.98
N GLN B 161 -23.44 -27.91 15.80
CA GLN B 161 -22.18 -27.43 15.25
C GLN B 161 -21.30 -28.59 14.80
N ALA B 162 -20.26 -28.24 14.04
CA ALA B 162 -19.31 -29.26 13.63
C ALA B 162 -18.66 -29.85 14.88
N THR B 163 -18.27 -31.11 14.83
CA THR B 163 -17.62 -31.72 16.00
C THR B 163 -16.25 -31.17 16.30
N ARG B 164 -15.76 -31.44 17.53
CA ARG B 164 -14.42 -31.06 17.93
C ARG B 164 -13.40 -31.66 16.97
N GLU B 165 -13.60 -32.97 16.68
CA GLU B 165 -12.67 -33.68 15.80
C GLU B 165 -12.70 -33.13 14.39
N ALA B 166 -13.88 -32.68 13.93
CA ALA B 166 -13.95 -32.08 12.60
C ALA B 166 -13.14 -30.79 12.54
N ARG B 167 -13.17 -30.00 13.58
CA ARG B 167 -12.35 -28.77 13.58
C ARG B 167 -10.87 -29.12 13.66
N LEU B 168 -10.49 -30.12 14.47
CA LEU B 168 -9.05 -30.43 14.56
C LEU B 168 -8.53 -31.01 13.26
N ALA B 169 -9.39 -31.66 12.48
CA ALA B 169 -8.93 -32.24 11.20
C ALA B 169 -8.53 -31.16 10.22
N VAL B 170 -9.09 -29.97 10.30
CA VAL B 170 -8.70 -28.90 9.35
C VAL B 170 -7.75 -27.90 9.97
N ALA B 171 -7.44 -28.00 11.25
CA ALA B 171 -6.54 -27.05 11.89
C ALA B 171 -5.07 -27.23 11.54
N ASP B 172 -4.38 -26.11 11.32
CA ASP B 172 -2.91 -26.20 11.14
C ASP B 172 -2.30 -26.05 12.55
N ASP B 173 -2.89 -25.20 13.37
CA ASP B 173 -2.48 -24.94 14.73
C ASP B 173 -3.66 -25.01 15.69
N VAL B 174 -3.36 -25.47 16.92
CA VAL B 174 -4.39 -25.55 17.96
C VAL B 174 -3.93 -24.79 19.20
N ILE B 175 -4.80 -24.01 19.77
CA ILE B 175 -4.54 -23.29 21.02
C ILE B 175 -5.57 -23.76 22.03
N ASP B 176 -5.07 -24.26 23.17
CA ASP B 176 -5.98 -24.73 24.22
C ASP B 176 -6.51 -23.56 25.04
N ASN B 177 -7.78 -23.63 25.45
CA ASN B 177 -8.30 -22.56 26.29
C ASN B 177 -9.12 -23.14 27.45
N ASN B 178 -8.67 -24.28 27.99
CA ASN B 178 -9.39 -24.88 29.13
C ASN B 178 -9.02 -24.22 30.45
N GLY B 179 -7.87 -23.55 30.52
CA GLY B 179 -7.43 -22.92 31.76
C GLY B 179 -7.81 -21.49 31.95
N ALA B 180 -6.98 -20.70 32.64
CA ALA B 180 -7.29 -19.30 32.90
C ALA B 180 -7.20 -18.45 31.64
N PRO B 181 -8.01 -17.42 31.53
CA PRO B 181 -8.02 -16.57 30.34
C PRO B 181 -6.71 -15.87 30.11
N ASP B 182 -6.13 -15.39 31.22
CA ASP B 182 -4.87 -14.69 31.17
C ASP B 182 -3.69 -15.59 30.85
N ALA B 183 -3.86 -16.89 30.75
CA ALA B 183 -2.93 -17.93 30.47
C ALA B 183 -2.64 -18.30 29.04
N ILE B 184 -3.33 -17.68 28.09
CA ILE B 184 -3.13 -18.01 26.67
C ILE B 184 -2.05 -17.10 26.07
N ALA B 185 -1.55 -16.16 26.87
CA ALA B 185 -0.57 -15.20 26.40
C ALA B 185 0.66 -15.78 25.75
N SER B 186 1.37 -16.67 26.46
CA SER B 186 2.57 -17.26 25.90
C SER B 186 2.22 -18.05 24.65
N ASP B 187 1.03 -18.68 24.62
CA ASP B 187 0.67 -19.44 23.44
C ASP B 187 0.40 -18.52 22.24
N VAL B 188 -0.30 -17.43 22.45
CA VAL B 188 -0.57 -16.50 21.34
C VAL B 188 0.75 -15.88 20.88
N ALA B 189 1.61 -15.52 21.85
CA ALA B 189 2.91 -14.95 21.42
C ALA B 189 3.69 -15.86 20.51
N ARG B 190 3.78 -17.14 20.79
CA ARG B 190 4.46 -18.16 20.03
C ARG B 190 3.88 -18.27 18.61
N LEU B 191 2.55 -18.35 18.57
CA LEU B 191 1.88 -18.43 17.26
C LEU B 191 2.14 -17.16 16.45
N HIS B 192 2.02 -16.00 17.06
CA HIS B 192 2.28 -14.72 16.42
C HIS B 192 3.64 -14.70 15.75
N ALA B 193 4.70 -15.08 16.51
CA ALA B 193 6.04 -15.09 15.91
C ALA B 193 6.11 -15.95 14.68
N HIS B 194 5.46 -17.14 14.70
CA HIS B 194 5.47 -18.00 13.53
C HIS B 194 4.66 -17.36 12.39
N TYR B 195 3.52 -16.75 12.72
CA TYR B 195 2.71 -16.13 11.66
C TYR B 195 3.47 -15.00 10.98
N LEU B 196 4.26 -14.23 11.75
CA LEU B 196 5.02 -13.15 11.09
C LEU B 196 6.06 -13.78 10.16
N GLN B 197 6.66 -14.91 10.55
CA GLN B 197 7.59 -15.60 9.65
C GLN B 197 6.90 -16.04 8.38
N LEU B 198 5.70 -16.68 8.53
CA LEU B 198 4.97 -17.13 7.38
C LEU B 198 4.57 -15.96 6.47
N ALA B 199 4.13 -14.86 7.07
CA ALA B 199 3.72 -13.71 6.30
C ALA B 199 4.88 -13.05 5.54
N SER B 200 6.06 -13.11 6.14
CA SER B 200 7.23 -12.46 5.51
C SER B 200 7.65 -13.12 4.23
N GLN B 201 7.33 -14.40 4.08
CA GLN B 201 7.77 -15.16 2.94
C GLN B 201 6.71 -15.63 2.00
N PHE B 202 5.42 -15.51 2.33
CA PHE B 202 4.45 -16.18 1.44
C PHE B 202 4.28 -15.67 0.03
N VAL B 203 4.48 -14.38 -0.20
CA VAL B 203 4.28 -13.88 -1.58
C VAL B 203 5.30 -14.45 -2.54
N SER B 204 6.57 -14.52 -2.15
CA SER B 204 7.56 -15.00 -3.14
C SER B 204 8.03 -16.42 -2.95
N GLN B 205 7.60 -17.09 -1.91
CA GLN B 205 7.99 -18.46 -1.59
C GLN B 205 7.81 -19.41 -2.75
N GLU B 206 8.91 -19.90 -3.34
CA GLU B 206 8.80 -20.80 -4.48
C GLU B 206 8.13 -22.12 -4.17
N LYS B 207 8.51 -22.79 -3.09
CA LYS B 207 7.94 -24.07 -2.73
C LYS B 207 7.07 -24.02 -1.49
N PRO B 208 6.09 -24.90 -1.44
CA PRO B 208 5.17 -24.99 -0.32
C PRO B 208 5.88 -25.12 1.02
N GLU B 209 5.38 -24.38 1.99
CA GLU B 209 5.91 -24.41 3.35
C GLU B 209 5.24 -25.57 4.12
N SER C 2 -17.26 -5.78 -19.07
CA SER C 2 -18.63 -5.76 -19.55
C SER C 2 -19.12 -4.31 -19.54
N LEU C 3 -19.60 -3.83 -20.69
CA LEU C 3 -20.07 -2.44 -20.73
C LEU C 3 -21.47 -2.38 -20.14
N ARG C 4 -21.68 -1.46 -19.20
CA ARG C 4 -22.98 -1.30 -18.57
C ARG C 4 -23.58 0.06 -18.90
N TYR C 5 -24.90 0.08 -19.02
CA TYR C 5 -25.60 1.32 -19.34
C TYR C 5 -25.68 2.15 -18.07
N ILE C 6 -25.32 3.43 -18.18
CA ILE C 6 -25.30 4.34 -17.07
C ILE C 6 -26.32 5.47 -17.22
N VAL C 7 -27.24 5.49 -16.27
CA VAL C 7 -28.21 6.58 -16.16
C VAL C 7 -27.77 7.46 -14.99
N ALA C 8 -27.35 8.71 -15.27
CA ALA C 8 -26.98 9.58 -14.15
C ALA C 8 -28.18 10.31 -13.60
N LEU C 9 -28.24 10.48 -12.30
CA LEU C 9 -29.30 11.18 -11.64
C LEU C 9 -28.73 12.41 -10.93
N THR C 10 -29.36 13.54 -11.14
CA THR C 10 -28.96 14.76 -10.45
C THR C 10 -30.14 15.61 -10.05
N GLY C 11 -29.89 16.67 -9.29
CA GLY C 11 -30.91 17.56 -8.80
C GLY C 11 -30.25 18.51 -7.76
N GLY C 12 -30.92 19.64 -7.53
CA GLY C 12 -30.39 20.60 -6.58
C GLY C 12 -30.72 20.21 -5.14
N ILE C 13 -30.15 21.00 -4.22
CA ILE C 13 -30.42 20.72 -2.80
C ILE C 13 -31.91 20.73 -2.55
N GLY C 14 -32.37 19.71 -1.80
CA GLY C 14 -33.78 19.60 -1.48
C GLY C 14 -34.66 19.00 -2.54
N SER C 15 -34.09 18.56 -3.66
CA SER C 15 -34.88 18.01 -4.74
C SER C 15 -35.37 16.58 -4.51
N GLY C 16 -34.69 15.83 -3.69
CA GLY C 16 -35.08 14.44 -3.40
C GLY C 16 -34.38 13.44 -4.29
N LYS C 17 -33.10 13.64 -4.59
CA LYS C 17 -32.42 12.66 -5.42
C LYS C 17 -32.39 11.28 -4.74
N SER C 18 -32.13 11.24 -3.43
CA SER C 18 -32.07 9.93 -2.77
C SER C 18 -33.40 9.22 -2.69
N THR C 19 -34.50 9.94 -2.62
CA THR C 19 -35.84 9.39 -2.61
C THR C 19 -36.16 8.73 -3.93
N VAL C 20 -35.78 9.46 -5.03
CA VAL C 20 -35.99 8.88 -6.37
C VAL C 20 -35.11 7.69 -6.59
N ALA C 21 -33.82 7.77 -6.13
CA ALA C 21 -32.90 6.66 -6.33
C ALA C 21 -33.42 5.39 -5.62
N ASN C 22 -33.98 5.59 -4.44
CA ASN C 22 -34.52 4.41 -3.73
C ASN C 22 -35.65 3.73 -4.50
N ALA C 23 -36.49 4.49 -5.21
CA ALA C 23 -37.56 3.89 -6.00
C ALA C 23 -37.00 2.95 -7.07
N PHE C 24 -35.86 3.39 -7.68
CA PHE C 24 -35.22 2.56 -8.67
C PHE C 24 -34.56 1.36 -7.99
N ALA C 25 -34.00 1.56 -6.81
CA ALA C 25 -33.34 0.45 -6.08
C ALA C 25 -34.39 -0.65 -5.80
N ASP C 26 -35.59 -0.21 -5.49
CA ASP C 26 -36.71 -1.16 -5.23
C ASP C 26 -37.06 -1.98 -6.45
N LEU C 27 -36.67 -1.55 -7.65
CA LEU C 27 -36.88 -2.26 -8.89
C LEU C 27 -35.69 -3.13 -9.26
N GLY C 28 -34.70 -3.26 -8.38
CA GLY C 28 -33.55 -4.09 -8.57
C GLY C 28 -32.32 -3.38 -9.15
N ILE C 29 -32.41 -2.07 -9.31
CA ILE C 29 -31.28 -1.33 -9.87
C ILE C 29 -30.21 -1.01 -8.85
N ASN C 30 -28.94 -1.22 -9.28
CA ASN C 30 -27.82 -0.88 -8.42
C ASN C 30 -27.55 0.62 -8.49
N VAL C 31 -27.59 1.27 -7.36
CA VAL C 31 -27.32 2.70 -7.26
C VAL C 31 -25.86 2.94 -6.86
N ILE C 32 -25.14 3.72 -7.66
CA ILE C 32 -23.74 4.06 -7.37
C ILE C 32 -23.78 5.53 -6.99
N ASP C 33 -23.43 5.89 -5.77
CA ASP C 33 -23.54 7.27 -5.30
C ASP C 33 -22.20 7.98 -5.23
N ALA C 34 -22.08 9.13 -5.90
CA ALA C 34 -20.83 9.86 -5.93
C ALA C 34 -20.35 10.27 -4.54
N ASP C 35 -21.23 10.67 -3.65
CA ASP C 35 -20.79 11.06 -2.29
C ASP C 35 -20.28 9.85 -1.52
N ILE C 36 -20.92 8.71 -1.65
CA ILE C 36 -20.44 7.50 -0.94
C ILE C 36 -19.06 7.14 -1.45
N ILE C 37 -18.85 7.13 -2.75
CA ILE C 37 -17.53 6.82 -3.34
C ILE C 37 -16.49 7.82 -2.85
N ALA C 38 -16.84 9.11 -2.79
CA ALA C 38 -15.90 10.12 -2.33
C ALA C 38 -15.48 9.86 -0.88
N ARG C 39 -16.43 9.45 -0.05
CA ARG C 39 -16.11 9.15 1.36
C ARG C 39 -15.26 7.89 1.44
N GLN C 40 -15.56 6.91 0.60
CA GLN C 40 -14.82 5.65 0.57
C GLN C 40 -13.34 5.83 0.31
N VAL C 41 -12.97 6.60 -0.71
CA VAL C 41 -11.59 6.83 -1.10
C VAL C 41 -10.71 7.46 -0.03
N VAL C 42 -11.25 8.11 0.97
CA VAL C 42 -10.44 8.73 2.02
C VAL C 42 -10.80 8.20 3.40
N GLU C 43 -11.39 7.00 3.47
CA GLU C 43 -11.77 6.44 4.76
C GLU C 43 -10.55 5.83 5.46
N PRO C 44 -10.69 5.57 6.76
CA PRO C 44 -9.63 4.97 7.55
C PRO C 44 -9.07 3.73 6.87
N GLY C 45 -7.77 3.72 6.60
CA GLY C 45 -7.13 2.59 5.97
C GLY C 45 -7.02 2.68 4.46
N ALA C 46 -7.72 3.64 3.87
CA ALA C 46 -7.70 3.82 2.42
C ALA C 46 -6.31 4.18 1.90
N PRO C 47 -5.98 3.67 0.72
CA PRO C 47 -4.71 3.90 0.07
C PRO C 47 -4.41 5.35 -0.26
N ALA C 48 -5.39 6.11 -0.72
CA ALA C 48 -5.19 7.52 -1.07
C ALA C 48 -4.52 8.26 0.09
N LEU C 49 -5.21 8.20 1.22
CA LEU C 49 -4.79 8.81 2.47
C LEU C 49 -3.42 8.31 2.93
N HIS C 50 -3.13 7.03 2.74
CA HIS C 50 -1.80 6.52 3.13
C HIS C 50 -0.75 7.44 2.51
N ALA C 51 -0.91 7.71 1.21
CA ALA C 51 -0.03 8.61 0.49
C ALA C 51 -0.12 10.02 1.06
N ILE C 52 -1.33 10.45 1.42
CA ILE C 52 -1.55 11.77 2.01
C ILE C 52 -0.70 11.93 3.27
N ALA C 53 -0.73 10.92 4.14
CA ALA C 53 0.07 10.96 5.37
C ALA C 53 1.54 10.98 4.97
N ASP C 54 1.91 10.14 4.01
CA ASP C 54 3.28 10.09 3.51
C ASP C 54 3.72 11.40 2.89
N HIS C 55 2.80 12.10 2.22
CA HIS C 55 3.09 13.37 1.58
C HIS C 55 3.13 14.51 2.59
N ALA C 58 2.68 13.22 7.55
CA ALA C 58 2.52 12.03 8.37
C ALA C 58 1.60 12.32 9.55
N ASN C 59 1.44 13.61 9.81
CA ASN C 59 0.63 14.14 10.87
C ASN C 59 -0.82 14.38 10.46
N MET C 60 -1.15 14.11 9.20
CA MET C 60 -2.48 14.31 8.68
C MET C 60 -3.43 13.19 9.05
N ILE C 61 -2.92 12.01 9.37
CA ILE C 61 -3.74 10.86 9.74
C ILE C 61 -3.94 10.77 11.25
N ALA C 62 -5.18 10.94 11.70
CA ALA C 62 -5.51 10.89 13.11
C ALA C 62 -5.19 9.55 13.76
N ALA C 63 -5.50 9.45 15.05
CA ALA C 63 -5.26 8.25 15.84
C ALA C 63 -6.25 7.16 15.46
N ASP C 64 -7.48 7.58 15.18
CA ASP C 64 -8.56 6.69 14.78
C ASP C 64 -8.22 5.96 13.49
N GLY C 65 -7.50 6.62 12.59
CA GLY C 65 -7.09 6.05 11.32
C GLY C 65 -7.55 6.93 10.16
N THR C 66 -8.42 7.88 10.47
CA THR C 66 -8.98 8.79 9.49
C THR C 66 -8.05 9.91 9.06
N LEU C 67 -8.50 10.65 8.05
CA LEU C 67 -7.76 11.78 7.50
C LEU C 67 -7.85 12.97 8.44
N TRP C 85 -2.19 18.98 -6.20
CA TRP C 85 -1.56 17.71 -5.88
C TRP C 85 -2.57 16.71 -5.32
N LEU C 86 -3.48 17.24 -4.50
CA LEU C 86 -4.53 16.47 -3.87
C LEU C 86 -5.48 15.84 -4.88
N ASN C 87 -5.65 16.51 -6.01
CA ASN C 87 -6.49 16.08 -7.12
C ASN C 87 -5.82 15.06 -8.02
N ALA C 88 -4.50 15.08 -8.12
CA ALA C 88 -3.80 14.10 -8.96
C ALA C 88 -3.88 12.73 -8.29
N LEU C 89 -4.01 12.78 -6.97
CA LEU C 89 -4.15 11.62 -6.12
C LEU C 89 -5.58 11.13 -6.05
N LEU C 90 -6.55 12.04 -5.88
CA LEU C 90 -7.94 11.61 -5.74
C LEU C 90 -8.71 11.32 -7.01
N HIS C 91 -8.46 11.98 -8.13
CA HIS C 91 -9.20 11.72 -9.35
C HIS C 91 -9.16 10.27 -9.80
N PRO C 92 -7.98 9.74 -10.08
CA PRO C 92 -7.83 8.36 -10.51
C PRO C 92 -8.58 7.41 -9.59
N LEU C 93 -8.43 7.62 -8.29
CA LEU C 93 -9.08 6.79 -7.30
C LEU C 93 -10.60 6.92 -7.34
N ILE C 94 -11.14 8.13 -7.44
CA ILE C 94 -12.60 8.27 -7.49
C ILE C 94 -13.14 7.65 -8.76
N GLN C 95 -12.42 7.83 -9.87
CA GLN C 95 -12.83 7.24 -11.14
C GLN C 95 -12.78 5.72 -11.07
N GLN C 96 -11.67 5.20 -10.54
CA GLN C 96 -11.46 3.77 -10.40
C GLN C 96 -12.53 3.11 -9.54
N GLU C 97 -12.85 3.72 -8.41
CA GLU C 97 -13.87 3.16 -7.52
C GLU C 97 -15.24 3.24 -8.19
N THR C 98 -15.50 4.34 -8.89
CA THR C 98 -16.81 4.45 -9.58
C THR C 98 -16.94 3.31 -10.59
N GLN C 99 -15.91 3.07 -11.38
CA GLN C 99 -15.89 1.99 -12.36
C GLN C 99 -15.99 0.62 -11.71
N HIS C 100 -15.30 0.41 -10.59
CA HIS C 100 -15.35 -0.88 -9.91
C HIS C 100 -16.75 -1.19 -9.42
N GLN C 101 -17.46 -0.17 -8.93
CA GLN C 101 -18.84 -0.37 -8.45
C GLN C 101 -19.77 -0.62 -9.64
N ILE C 102 -19.52 0.02 -10.78
CA ILE C 102 -20.37 -0.21 -11.96
C ILE C 102 -20.18 -1.64 -12.43
N GLN C 103 -18.97 -2.19 -12.37
CA GLN C 103 -18.70 -3.56 -12.76
C GLN C 103 -19.24 -4.57 -11.76
N GLN C 104 -19.35 -4.19 -10.49
CA GLN C 104 -19.87 -5.07 -9.46
C GLN C 104 -21.40 -5.14 -9.53
N ALA C 105 -22.01 -4.23 -10.30
CA ALA C 105 -23.46 -4.21 -10.45
C ALA C 105 -23.96 -5.38 -11.27
N THR C 106 -25.14 -5.90 -10.88
CA THR C 106 -25.71 -7.03 -11.63
C THR C 106 -27.03 -6.60 -12.28
N SER C 107 -27.38 -5.30 -12.13
CA SER C 107 -28.64 -4.86 -12.73
C SER C 107 -28.46 -4.56 -14.20
N PRO C 108 -29.55 -4.47 -14.95
CA PRO C 108 -29.54 -4.27 -16.37
C PRO C 108 -28.97 -2.90 -16.78
N TYR C 109 -29.09 -1.94 -15.90
CA TYR C 109 -28.53 -0.62 -16.03
C TYR C 109 -28.22 -0.16 -14.60
N VAL C 110 -27.34 0.83 -14.47
CA VAL C 110 -27.00 1.36 -13.17
C VAL C 110 -27.49 2.81 -13.05
N LEU C 111 -27.76 3.25 -11.85
CA LEU C 111 -28.19 4.60 -11.57
C LEU C 111 -27.08 5.28 -10.78
N TRP C 112 -26.37 6.21 -11.44
CA TRP C 112 -25.23 6.93 -10.86
C TRP C 112 -25.69 8.27 -10.33
N VAL C 113 -25.78 8.41 -8.99
CA VAL C 113 -26.26 9.64 -8.38
C VAL C 113 -25.10 10.60 -8.15
N VAL C 114 -25.21 11.74 -8.89
CA VAL C 114 -24.15 12.76 -8.85
C VAL C 114 -24.63 14.15 -8.62
N PRO C 115 -24.62 14.65 -7.38
CA PRO C 115 -25.10 15.97 -7.07
C PRO C 115 -24.48 17.06 -7.95
N LEU C 116 -23.18 16.98 -8.27
CA LEU C 116 -22.56 18.03 -9.11
C LEU C 116 -22.43 17.62 -10.55
N LEU C 117 -23.40 16.85 -11.06
CA LEU C 117 -23.31 16.39 -12.45
C LEU C 117 -23.19 17.57 -13.43
N VAL C 118 -23.98 18.62 -13.23
CA VAL C 118 -23.87 19.75 -14.18
C VAL C 118 -22.66 20.61 -13.90
N GLU C 119 -22.42 20.93 -12.62
CA GLU C 119 -21.29 21.77 -12.25
C GLU C 119 -19.95 21.24 -12.68
N ASN C 120 -19.75 19.91 -12.61
CA ASN C 120 -18.51 19.28 -12.97
C ASN C 120 -18.51 18.64 -14.34
N SER C 121 -19.57 18.90 -15.10
CA SER C 121 -19.72 18.38 -16.44
C SER C 121 -19.58 16.86 -16.52
N LEU C 122 -20.12 16.17 -15.49
CA LEU C 122 -19.99 14.72 -15.45
C LEU C 122 -21.05 14.00 -16.26
N TYR C 123 -21.99 14.74 -16.84
CA TYR C 123 -22.99 14.19 -17.74
C TYR C 123 -22.31 13.67 -19.02
N LYS C 124 -21.04 14.06 -19.27
CA LYS C 124 -20.36 13.55 -20.45
C LYS C 124 -20.03 12.07 -20.28
N LYS C 125 -20.10 11.56 -19.05
CA LYS C 125 -19.82 10.17 -18.72
C LYS C 125 -21.08 9.34 -18.50
N ALA C 126 -22.23 9.91 -18.80
CA ALA C 126 -23.51 9.19 -18.65
C ALA C 126 -24.15 8.92 -20.01
N ASN C 127 -24.83 7.76 -20.10
CA ASN C 127 -25.55 7.47 -21.36
C ASN C 127 -26.91 8.15 -21.37
N ARG C 128 -27.45 8.41 -20.17
CA ARG C 128 -28.78 9.04 -20.05
C ARG C 128 -28.74 9.91 -18.80
N VAL C 129 -29.35 11.10 -18.85
CA VAL C 129 -29.35 12.02 -17.72
C VAL C 129 -30.78 12.24 -17.26
N LEU C 130 -31.02 11.91 -15.98
CA LEU C 130 -32.30 12.11 -15.36
C LEU C 130 -32.17 13.20 -14.30
N VAL C 131 -33.00 14.23 -14.39
CA VAL C 131 -33.00 15.30 -13.40
C VAL C 131 -34.24 15.22 -12.52
N VAL C 132 -34.04 15.20 -11.21
CA VAL C 132 -35.15 15.27 -10.25
C VAL C 132 -35.37 16.79 -10.04
N ASP C 133 -36.52 17.25 -10.46
CA ASP C 133 -36.86 18.67 -10.47
C ASP C 133 -37.96 19.07 -9.53
N VAL C 134 -37.74 20.22 -8.87
CA VAL C 134 -38.70 20.79 -7.97
C VAL C 134 -38.61 22.31 -8.13
N SER C 135 -39.59 23.04 -7.63
CA SER C 135 -39.43 24.50 -7.76
C SER C 135 -38.43 24.96 -6.71
N PRO C 136 -37.87 26.15 -6.92
CA PRO C 136 -36.94 26.75 -5.95
C PRO C 136 -37.63 26.85 -4.59
N GLU C 137 -38.91 27.19 -4.54
CA GLU C 137 -39.64 27.25 -3.26
C GLU C 137 -39.59 25.91 -2.54
N THR C 138 -39.77 24.81 -3.26
CA THR C 138 -39.70 23.48 -2.62
C THR C 138 -38.30 23.20 -2.12
N GLN C 139 -37.25 23.56 -2.90
CA GLN C 139 -35.88 23.35 -2.42
C GLN C 139 -35.70 24.04 -1.06
N LEU C 140 -36.16 25.28 -1.00
CA LEU C 140 -36.03 26.07 0.21
C LEU C 140 -36.77 25.46 1.39
N LYS C 141 -38.06 25.26 1.19
CA LYS C 141 -38.91 24.72 2.27
C LYS C 141 -38.46 23.39 2.78
N ARG C 142 -38.13 22.44 1.91
CA ARG C 142 -37.71 21.11 2.36
C ARG C 142 -36.41 21.13 3.11
N THR C 143 -35.45 21.92 2.66
CA THR C 143 -34.16 22.00 3.31
C THR C 143 -34.29 22.71 4.65
N MET C 144 -35.13 23.75 4.72
CA MET C 144 -35.32 24.46 5.99
C MET C 144 -35.89 23.48 7.03
N GLN C 145 -36.88 22.70 6.59
CA GLN C 145 -37.50 21.75 7.49
C GLN C 145 -36.56 20.66 7.95
N ARG C 146 -35.81 20.08 7.02
CA ARG C 146 -34.90 19.00 7.33
C ARG C 146 -33.76 19.36 8.27
N ASP C 147 -33.07 20.47 8.00
CA ASP C 147 -31.92 20.87 8.79
C ASP C 147 -32.21 21.92 9.84
N ASP C 148 -33.44 22.39 9.93
CA ASP C 148 -33.80 23.42 10.90
C ASP C 148 -32.92 24.65 10.68
N VAL C 149 -32.91 25.11 9.42
CA VAL C 149 -32.13 26.27 9.02
C VAL C 149 -33.00 27.37 8.44
N THR C 150 -32.40 28.56 8.33
CA THR C 150 -33.13 29.70 7.79
C THR C 150 -33.27 29.57 6.27
N ARG C 151 -34.21 30.36 5.76
CA ARG C 151 -34.45 30.41 4.32
C ARG C 151 -33.26 31.03 3.60
N GLU C 152 -32.61 31.99 4.26
CA GLU C 152 -31.44 32.66 3.73
C GLU C 152 -30.28 31.69 3.64
N HIS C 153 -30.16 30.79 4.62
CA HIS C 153 -29.11 29.80 4.62
C HIS C 153 -29.26 28.92 3.36
N VAL C 154 -30.50 28.54 3.05
CA VAL C 154 -30.73 27.71 1.86
C VAL C 154 -30.53 28.52 0.59
N GLU C 155 -30.96 29.77 0.57
CA GLU C 155 -30.74 30.61 -0.62
C GLU C 155 -29.27 30.69 -0.99
N GLN C 156 -28.34 30.74 -0.04
CA GLN C 156 -26.91 30.79 -0.30
C GLN C 156 -26.43 29.53 -0.98
N ILE C 157 -27.01 28.38 -0.65
CA ILE C 157 -26.61 27.11 -1.29
C ILE C 157 -27.14 27.12 -2.72
N LEU C 158 -28.35 27.64 -2.89
CA LEU C 158 -28.98 27.71 -4.22
C LEU C 158 -28.13 28.54 -5.17
N ALA C 159 -27.58 29.63 -4.63
CA ALA C 159 -26.73 30.53 -5.42
C ALA C 159 -25.41 29.92 -5.79
N ALA C 160 -24.94 28.92 -5.06
CA ALA C 160 -23.70 28.24 -5.29
C ALA C 160 -23.85 27.06 -6.25
N GLN C 161 -25.08 26.57 -6.44
CA GLN C 161 -25.25 25.44 -7.35
C GLN C 161 -25.74 25.91 -8.72
N ALA C 162 -25.64 24.99 -9.68
CA ALA C 162 -26.18 25.31 -11.00
C ALA C 162 -27.67 25.60 -10.86
N THR C 163 -28.19 26.39 -11.79
CA THR C 163 -29.59 26.76 -11.80
C THR C 163 -30.47 25.61 -12.27
N ARG C 164 -31.77 25.78 -11.97
CA ARG C 164 -32.75 24.77 -12.38
C ARG C 164 -32.73 24.58 -13.90
N GLU C 165 -32.62 25.71 -14.60
CA GLU C 165 -32.57 25.69 -16.06
C GLU C 165 -31.29 25.08 -16.60
N ALA C 166 -30.16 25.28 -15.94
CA ALA C 166 -28.91 24.65 -16.36
C ALA C 166 -29.02 23.14 -16.27
N ARG C 167 -29.67 22.62 -15.24
CA ARG C 167 -29.84 21.16 -15.16
C ARG C 167 -30.80 20.66 -16.23
N LEU C 168 -31.89 21.38 -16.45
CA LEU C 168 -32.86 21.00 -17.47
C LEU C 168 -32.21 20.98 -18.84
N ALA C 169 -31.23 21.86 -19.09
CA ALA C 169 -30.56 21.90 -20.40
C ALA C 169 -29.82 20.61 -20.78
N VAL C 170 -29.31 19.87 -19.82
CA VAL C 170 -28.58 18.63 -20.12
C VAL C 170 -29.40 17.40 -19.82
N ALA C 171 -30.65 17.59 -19.39
CA ALA C 171 -31.45 16.40 -19.06
C ALA C 171 -32.10 15.72 -20.25
N ASP C 172 -32.10 14.38 -20.19
CA ASP C 172 -32.83 13.62 -21.21
C ASP C 172 -34.25 13.40 -20.70
N ASP C 173 -34.41 13.16 -19.38
CA ASP C 173 -35.63 12.94 -18.70
C ASP C 173 -35.71 13.80 -17.42
N VAL C 174 -36.93 14.16 -17.10
CA VAL C 174 -37.15 14.98 -15.89
C VAL C 174 -38.24 14.36 -15.04
N ILE C 175 -38.01 14.26 -13.74
CA ILE C 175 -39.05 13.71 -12.85
C ILE C 175 -39.40 14.79 -11.85
N ASP C 176 -40.69 15.14 -11.78
CA ASP C 176 -41.14 16.18 -10.85
C ASP C 176 -41.25 15.60 -9.46
N ASN C 177 -40.61 16.19 -8.46
CA ASN C 177 -40.72 15.67 -7.09
C ASN C 177 -41.32 16.71 -6.15
N ASN C 178 -42.21 17.54 -6.64
CA ASN C 178 -42.82 18.60 -5.85
C ASN C 178 -43.95 18.08 -4.95
N GLY C 179 -44.38 16.85 -5.12
CA GLY C 179 -45.48 16.30 -4.31
C GLY C 179 -44.97 15.40 -3.20
N ALA C 180 -45.75 14.40 -2.78
CA ALA C 180 -45.30 13.48 -1.71
C ALA C 180 -44.51 12.34 -2.31
N PRO C 181 -43.70 11.63 -1.53
CA PRO C 181 -42.86 10.55 -1.97
C PRO C 181 -43.45 9.57 -2.96
N ASP C 182 -44.72 9.22 -2.81
CA ASP C 182 -45.39 8.28 -3.67
C ASP C 182 -45.85 8.88 -4.99
N ALA C 183 -45.88 10.21 -5.17
CA ALA C 183 -46.36 10.78 -6.41
C ALA C 183 -45.41 10.54 -7.59
N ILE C 184 -44.18 10.15 -7.33
CA ILE C 184 -43.23 9.87 -8.41
C ILE C 184 -43.42 8.50 -9.03
N ALA C 185 -44.28 7.66 -8.44
CA ALA C 185 -44.40 6.29 -8.92
C ALA C 185 -44.69 6.15 -10.40
N SER C 186 -45.64 6.90 -10.96
CA SER C 186 -45.91 6.72 -12.38
C SER C 186 -44.66 7.03 -13.20
N ASP C 187 -43.94 8.09 -12.84
CA ASP C 187 -42.74 8.42 -13.61
C ASP C 187 -41.64 7.39 -13.45
N VAL C 188 -41.39 6.90 -12.25
CA VAL C 188 -40.34 5.87 -12.09
C VAL C 188 -40.67 4.64 -12.92
N ALA C 189 -41.96 4.24 -12.91
CA ALA C 189 -42.33 3.07 -13.70
C ALA C 189 -42.07 3.25 -15.18
N ARG C 190 -42.48 4.40 -15.72
CA ARG C 190 -42.29 4.70 -17.12
C ARG C 190 -40.82 4.80 -17.51
N LEU C 191 -40.04 5.44 -16.63
CA LEU C 191 -38.62 5.62 -16.89
C LEU C 191 -37.86 4.30 -16.82
N HIS C 192 -38.19 3.49 -15.81
CA HIS C 192 -37.57 2.18 -15.67
C HIS C 192 -37.80 1.32 -16.90
N ALA C 193 -39.03 1.28 -17.43
CA ALA C 193 -39.28 0.46 -18.62
C ALA C 193 -38.47 0.97 -19.79
N HIS C 194 -38.37 2.30 -19.93
CA HIS C 194 -37.58 2.85 -21.05
C HIS C 194 -36.11 2.53 -20.89
N TYR C 195 -35.61 2.68 -19.64
CA TYR C 195 -34.21 2.35 -19.38
C TYR C 195 -33.88 0.90 -19.64
N LEU C 196 -34.81 -0.02 -19.28
CA LEU C 196 -34.53 -1.42 -19.59
C LEU C 196 -34.41 -1.59 -21.10
N GLN C 197 -35.29 -0.95 -21.84
CA GLN C 197 -35.28 -1.02 -23.30
C GLN C 197 -33.99 -0.46 -23.86
N LEU C 198 -33.57 0.74 -23.44
CA LEU C 198 -32.34 1.33 -23.90
C LEU C 198 -31.12 0.49 -23.57
N ALA C 199 -31.05 -0.02 -22.36
CA ALA C 199 -29.92 -0.83 -21.94
C ALA C 199 -29.83 -2.13 -22.73
N SER C 200 -31.00 -2.70 -23.06
CA SER C 200 -31.03 -3.97 -23.81
C SER C 200 -30.54 -3.80 -25.23
N GLN C 201 -30.59 -2.59 -25.79
CA GLN C 201 -30.17 -2.39 -27.17
C GLN C 201 -28.96 -1.50 -27.36
N PHE C 202 -28.40 -0.90 -26.32
CA PHE C 202 -27.31 0.04 -26.57
C PHE C 202 -26.04 -0.48 -27.15
N VAL C 203 -25.61 -1.69 -26.83
CA VAL C 203 -24.36 -2.20 -27.39
C VAL C 203 -24.40 -2.42 -28.87
N SER C 204 -25.51 -2.90 -29.45
CA SER C 204 -25.54 -3.15 -30.89
C SER C 204 -26.35 -2.16 -31.70
N GLN C 205 -26.95 -1.16 -31.06
CA GLN C 205 -27.79 -0.16 -31.72
C GLN C 205 -27.08 0.60 -32.82
N GLU C 206 -27.68 0.64 -34.03
CA GLU C 206 -27.09 1.38 -35.14
C GLU C 206 -27.96 2.57 -35.55
N LYS C 207 -29.04 2.81 -34.82
CA LYS C 207 -29.94 3.93 -35.08
C LYS C 207 -30.35 4.57 -33.76
N PRO C 208 -29.41 5.19 -33.06
CA PRO C 208 -29.69 5.83 -31.78
C PRO C 208 -30.47 7.11 -31.95
N GLU C 209 -31.15 7.57 -30.89
CA GLU C 209 -31.89 8.83 -31.03
C GLU C 209 -30.88 9.97 -31.20
C ACT D . 40.98 13.12 -0.39
O ACT D . 41.49 11.96 -0.06
OXT ACT D . 40.89 13.66 -1.55
CH3 ACT D . 40.44 13.97 0.71
N9A BA3 E . 34.99 -9.03 -12.55
C8A BA3 E . 34.61 -7.72 -12.83
N7A BA3 E . 33.50 -7.60 -13.50
C5A BA3 E . 33.07 -8.90 -13.65
C6A BA3 E . 31.93 -9.36 -14.27
N6A BA3 E . 31.09 -8.66 -14.78
N1A BA3 E . 31.79 -10.75 -14.27
C2A BA3 E . 32.70 -11.56 -13.68
N3A BA3 E . 33.80 -11.14 -13.08
C4A BA3 E . 33.93 -9.79 -13.09
O5B BA3 E . 37.07 -6.44 -10.39
C5B BA3 E . 37.38 -7.38 -9.36
C4B BA3 E . 37.27 -8.75 -9.83
O4B BA3 E . 36.03 -9.05 -10.40
C3B BA3 E . 38.33 -9.00 -10.84
O3B BA3 E . 38.83 -10.33 -10.66
C2B BA3 E . 37.66 -8.85 -12.08
O2B BA3 E . 38.25 -9.60 -13.12
C1B BA3 E . 36.21 -9.44 -11.75
PE BA3 E . 37.70 -5.01 -10.31
O1E BA3 E . 39.13 -5.05 -10.01
O2E BA3 E . 37.18 -4.25 -11.49
O3E BA3 E . 36.92 -4.50 -9.05
PF BA3 E . 37.17 -3.34 -8.09
O1F BA3 E . 35.86 -3.10 -7.49
O2F BA3 E . 37.87 -2.25 -8.82
O3F BA3 E . 38.22 -3.87 -7.04
PG BA3 E . 38.24 -4.31 -5.55
O1G BA3 E . 37.59 -5.73 -5.53
O2G BA3 E . 37.64 -3.37 -4.57
O5D BA3 E . 39.78 -4.59 -5.21
C5D BA3 E . 40.53 -5.59 -6.02
C4D BA3 E . 41.56 -6.37 -5.03
O4D BA3 E . 42.11 -5.41 -4.10
C3D BA3 E . 40.75 -7.29 -4.11
O3D BA3 E . 40.50 -8.55 -4.74
C2D BA3 E . 41.67 -7.46 -2.98
O2D BA3 E . 42.76 -8.23 -3.51
C1D BA3 E . 42.15 -5.97 -2.79
N9G BA3 E . 41.41 -5.12 -1.79
C8G BA3 E . 40.63 -4.02 -2.05
N7G BA3 E . 40.10 -3.42 -1.05
C5G BA3 E . 40.56 -4.18 0.03
C6G BA3 E . 40.31 -4.01 1.43
N6G BA3 E . 39.61 -3.13 1.94
N1G BA3 E . 40.96 -5.00 2.19
C2G BA3 E . 41.76 -6.01 1.69
N3G BA3 E . 41.98 -6.15 0.35
C4G BA3 E . 41.37 -5.21 -0.41
C ACT F . -18.09 -15.53 3.42
O ACT F . -19.06 -15.48 4.30
OXT ACT F . -18.08 -16.20 2.34
CH3 ACT F . -16.81 -14.76 3.58
N9A BA3 G . -14.09 -17.21 28.81
C8A BA3 G . -13.20 -17.28 27.76
N7A BA3 G . -12.03 -17.83 28.01
C5A BA3 G . -12.14 -18.23 29.33
C6A BA3 G . -11.22 -18.86 30.13
N6A BA3 G . -10.11 -19.26 29.81
N1A BA3 G . -11.69 -19.07 31.43
C2A BA3 G . -12.91 -18.72 31.84
N3A BA3 G . -13.82 -18.10 31.10
C4A BA3 G . -13.35 -17.88 29.83
O5B BA3 G . -15.95 -16.42 25.64
C5B BA3 G . -17.14 -17.13 25.98
C4B BA3 G . -17.34 -17.15 27.42
O4B BA3 G . -16.31 -17.73 28.16
C3B BA3 G . -17.47 -15.78 27.81
O3B BA3 G . -18.39 -15.62 28.92
C2B BA3 G . -16.20 -15.40 28.37
O2B BA3 G . -16.79 -14.72 29.57
C1B BA3 G . -15.53 -16.75 28.84
PE BA3 G . -15.78 -15.81 24.21
O1E BA3 G . -16.81 -14.81 23.99
O2E BA3 G . -14.34 -15.49 24.08
O3E BA3 G . -16.05 -17.06 23.29
PF BA3 G . -16.46 -17.22 21.81
O1F BA3 G . -15.98 -18.55 21.40
O2F BA3 G . -15.97 -16.05 21.06
O3F BA3 G . -18.03 -17.12 21.80
PG BA3 G . -19.22 -18.11 21.57
O1G BA3 G . -19.20 -18.86 22.96
O2G BA3 G . -19.20 -19.02 20.42
O5D BA3 G . -20.55 -17.27 21.65
C5D BA3 G . -20.85 -16.45 22.86
C4D BA3 G . -22.46 -16.43 23.07
O4D BA3 G . -23.08 -16.23 21.78
C3D BA3 G . -22.93 -17.80 23.52
O3D BA3 G . -22.82 -17.98 24.93
C2D BA3 G . -24.33 -17.80 23.10
O2D BA3 G . -25.01 -16.79 23.87
C1D BA3 G . -24.16 -17.18 21.66
N9G BA3 G . -23.95 -18.14 20.54
C8G BA3 G . -22.93 -18.23 19.64
N7G BA3 G . -23.04 -19.15 18.73
C5G BA3 G . -24.27 -19.71 19.03
C6G BA3 G . -24.99 -20.77 18.37
N6G BA3 G . -24.60 -21.41 17.38
N1G BA3 G . -26.21 -21.05 19.00
C2G BA3 G . -26.72 -20.38 20.10
N3G BA3 G . -26.04 -19.39 20.71
C4G BA3 G . -24.85 -19.13 20.12
N9A BA3 H . -38.49 14.66 0.53
C8A BA3 H . -38.18 13.97 -0.61
N7A BA3 H . -39.17 13.80 -1.47
C5A BA3 H . -40.22 14.46 -0.86
C6A BA3 H . -41.50 14.59 -1.29
N6A BA3 H . -41.89 14.17 -2.35
N1A BA3 H . -42.32 15.31 -0.42
C2A BA3 H . -41.89 15.80 0.77
N3A BA3 H . -40.65 15.66 1.22
C4A BA3 H . -39.86 14.97 0.36
O5B BA3 H . -34.70 14.63 0.24
C5B BA3 H . -34.44 15.79 1.03
C4B BA3 H . -35.55 16.09 1.92
O4B BA3 H . -36.79 16.16 1.26
C3B BA3 H . -35.63 15.04 2.94
O3B BA3 H . -36.19 15.59 4.14
C2B BA3 H . -36.54 14.09 2.37
O2B BA3 H . -37.19 13.37 3.43
C1B BA3 H . -37.60 15.07 1.68
PE BA3 H . -33.49 13.78 -0.26
O1E BA3 H . -32.51 13.58 0.80
O2E BA3 H . -34.02 12.59 -1.02
O3E BA3 H . -32.96 14.78 -1.32
PF BA3 H . -31.60 14.94 -1.98
O1F BA3 H . -31.84 15.75 -3.20
O2F BA3 H . -31.02 13.59 -2.14
O3F BA3 H . -30.71 15.72 -0.96
PG BA3 H . -29.89 17.03 -0.82
O1G BA3 H . -30.87 18.11 -0.34
O2G BA3 H . -29.02 17.35 -1.97
O5D BA3 H . -28.93 16.70 0.46
C5D BA3 H . -29.63 16.45 1.75
C4D BA3 H . -28.87 17.29 2.92
O4D BA3 H . -27.46 17.33 2.62
C3D BA3 H . -29.30 18.76 2.86
O3D BA3 H . -30.51 19.04 3.54
C2D BA3 H . -28.16 19.43 3.49
O2D BA3 H . -28.20 19.07 4.88
C1D BA3 H . -26.96 18.65 2.82
N9G BA3 H . -26.31 19.30 1.64
C8G BA3 H . -26.19 18.85 0.37
N7G BA3 H . -25.56 19.60 -0.48
C5G BA3 H . -25.19 20.69 0.32
C6G BA3 H . -24.43 21.86 -0.04
N6G BA3 H . -23.99 22.13 -1.15
N1G BA3 H . -24.25 22.72 1.06
C2G BA3 H . -24.73 22.48 2.35
N3G BA3 H . -25.45 21.37 2.66
C4G BA3 H . -25.62 20.52 1.61
#